data_2AY3
#
_entry.id   2AY3
#
_cell.length_a   123.870
_cell.length_b   121.690
_cell.length_c   55.230
_cell.angle_alpha   90.00
_cell.angle_beta   90.00
_cell.angle_gamma   90.00
#
_symmetry.space_group_name_H-M   'P 21 21 21'
#
loop_
_entity.id
_entity.type
_entity.pdbx_description
1 polymer 'AROMATIC AMINO ACID AMINOTRANSFERASE'
2 non-polymer "PYRIDOXAL-5'-PHOSPHATE"
3 non-polymer '3-(3,4-DIMETHOXYPHENYL)PROPIONIC ACID'
4 water water
#
_entity_poly.entity_id   1
_entity_poly.type   'polypeptide(L)'
_entity_poly.pdbx_seq_one_letter_code
;MLGNLKPQAPDKILALMGEFRADPRQGKIDLGVGVYKDATGHTPIMRAVHAAEQRMLETETTKTYAGLSGEPEFQKAMGE
LILGDGLKSETTATLATVGGTGALRQALELARMANPDLRVFVSDPTWPNHVSIMNFMGLPVQTYRYFDAETRGVDFEGMK
ADLAAAKKGDMVLLHGCCHNPTGANLTLDQWAEIASILEKTGALPLIDLAYQGFGDGLEEDAAGTRLIASRIPEVLIAAS
CSKNFGIYRERTGCLLALCADAATRELAQGAMAFLNRQTYSFPPFHGAKIVSTVLTTPELRADWMAELEAVRSGMLRLRE
QLAGELRDLSGSDRFGFVAEHRGMFSRLGATPEQVKRIKEEFGIYMVGDSRINIAGLNDNTIPILARAIIEVGV
;
_entity_poly.pdbx_strand_id   A,B
#
loop_
_chem_comp.id
_chem_comp.type
_chem_comp.name
_chem_comp.formula
MPP non-polymer '3-(3,4-DIMETHOXYPHENYL)PROPIONIC ACID' 'C11 H14 O4'
PLP non-polymer PYRIDOXAL-5'-PHOSPHATE 'C8 H10 N O6 P'
#
# COMPACT_ATOMS: atom_id res chain seq x y z
N MET A 1 3.28 -18.92 19.39
CA MET A 1 4.30 -18.66 18.35
C MET A 1 4.76 -17.20 18.29
N LEU A 2 3.82 -16.27 18.38
CA LEU A 2 4.15 -14.85 18.30
C LEU A 2 5.11 -14.35 19.39
N GLY A 3 5.26 -15.14 20.45
CA GLY A 3 6.17 -14.77 21.54
C GLY A 3 7.62 -14.83 21.10
N ASN A 4 7.89 -15.58 20.05
CA ASN A 4 9.23 -15.75 19.51
C ASN A 4 9.72 -14.48 18.80
N LEU A 5 8.76 -13.61 18.47
CA LEU A 5 9.03 -12.36 17.79
C LEU A 5 10.12 -11.49 18.46
N LYS A 6 11.09 -11.06 17.67
CA LYS A 6 12.17 -10.20 18.18
C LYS A 6 11.64 -8.77 18.17
N PRO A 7 11.80 -8.03 19.29
CA PRO A 7 11.32 -6.66 19.40
C PRO A 7 11.89 -5.70 18.35
N GLN A 8 10.98 -5.01 17.65
CA GLN A 8 11.35 -4.06 16.60
C GLN A 8 11.32 -2.65 17.16
N ALA A 9 12.39 -1.90 16.91
CA ALA A 9 12.54 -0.54 17.41
C ALA A 9 11.51 0.45 16.85
N PRO A 10 11.11 1.44 17.68
CA PRO A 10 10.14 2.48 17.32
C PRO A 10 10.70 3.39 16.23
N ASP A 11 9.82 4.22 15.66
CA ASP A 11 10.20 5.14 14.59
C ASP A 11 11.30 6.14 14.93
N LYS A 12 11.34 6.55 16.20
CA LYS A 12 12.29 7.54 16.74
C LYS A 12 11.70 8.95 16.62
N ILE A 13 11.00 9.19 15.51
CA ILE A 13 10.35 10.47 15.29
C ILE A 13 9.46 10.77 16.49
N LEU A 14 8.72 9.75 16.92
CA LEU A 14 7.81 9.89 18.06
C LEU A 14 8.56 10.17 19.37
N ALA A 15 9.78 9.66 19.49
CA ALA A 15 10.57 9.88 20.69
C ALA A 15 10.97 11.35 20.72
N LEU A 16 11.24 11.90 19.53
CA LEU A 16 11.62 13.31 19.41
C LEU A 16 10.40 14.16 19.79
N MET A 17 9.23 13.70 19.38
CA MET A 17 7.97 14.37 19.65
C MET A 17 7.63 14.37 21.14
N GLY A 18 7.72 13.19 21.75
CA GLY A 18 7.41 13.06 23.16
C GLY A 18 8.23 13.98 24.04
N GLU A 19 9.50 14.15 23.67
CA GLU A 19 10.41 15.00 24.42
C GLU A 19 10.00 16.46 24.24
N PHE A 20 9.84 16.86 22.99
CA PHE A 20 9.45 18.23 22.66
C PHE A 20 8.18 18.65 23.41
N ARG A 21 7.15 17.83 23.35
CA ARG A 21 5.89 18.13 24.01
C ARG A 21 6.07 18.24 25.52
N ALA A 22 6.92 17.40 26.07
CA ALA A 22 7.17 17.40 27.51
C ALA A 22 7.96 18.61 27.99
N ASP A 23 8.59 19.32 27.06
CA ASP A 23 9.38 20.51 27.38
C ASP A 23 8.46 21.62 27.88
N PRO A 24 8.66 22.06 29.14
CA PRO A 24 7.83 23.12 29.75
C PRO A 24 8.19 24.55 29.32
N ARG A 25 9.12 24.69 28.39
CA ARG A 25 9.53 26.01 27.93
C ARG A 25 8.59 26.58 26.88
N GLN A 26 8.09 27.78 27.16
CA GLN A 26 7.15 28.46 26.26
C GLN A 26 7.79 28.92 24.96
N GLY A 27 9.11 29.10 24.96
CA GLY A 27 9.76 29.55 23.74
C GLY A 27 10.41 28.45 22.90
N LYS A 28 10.01 27.19 23.14
CA LYS A 28 10.56 26.06 22.41
C LYS A 28 10.18 26.01 20.94
N ILE A 29 11.14 25.69 20.09
CA ILE A 29 10.93 25.60 18.65
C ILE A 29 11.22 24.16 18.19
N ASP A 30 10.52 23.72 17.15
CA ASP A 30 10.69 22.37 16.62
C ASP A 30 11.07 22.41 15.15
N LEU A 31 12.33 22.11 14.86
CA LEU A 31 12.83 22.12 13.48
C LEU A 31 13.05 20.70 12.97
N GLY A 32 12.68 19.71 13.78
CA GLY A 32 12.85 18.33 13.38
C GLY A 32 11.72 17.78 12.55
N VAL A 33 10.65 18.56 12.41
CA VAL A 33 9.48 18.15 11.63
C VAL A 33 9.89 17.72 10.23
N GLY A 34 9.24 16.70 9.68
CA GLY A 34 9.60 16.24 8.36
C GLY A 34 8.64 16.57 7.23
N VAL A 35 7.67 17.43 7.48
CA VAL A 35 6.70 17.81 6.46
C VAL A 35 6.67 19.33 6.32
N TYR A 36 5.99 19.81 5.29
CA TYR A 36 5.88 21.26 5.09
C TYR A 36 4.85 21.88 6.03
N LYS A 37 5.20 23.03 6.60
CA LYS A 37 4.33 23.76 7.50
C LYS A 37 4.36 25.21 7.06
N ASP A 38 3.19 25.83 6.99
CA ASP A 38 3.12 27.23 6.59
C ASP A 38 3.38 28.17 7.76
N ALA A 39 3.16 29.47 7.53
CA ALA A 39 3.40 30.50 8.53
C ALA A 39 2.79 30.23 9.90
N THR A 40 1.59 29.65 9.91
CA THR A 40 0.89 29.37 11.16
C THR A 40 1.26 28.05 11.82
N GLY A 41 2.13 27.29 11.16
CA GLY A 41 2.56 26.00 11.68
C GLY A 41 1.58 24.90 11.30
N HIS A 42 0.93 25.06 10.15
CA HIS A 42 -0.03 24.08 9.69
C HIS A 42 0.43 23.45 8.38
N THR A 43 -0.07 22.26 8.09
CA THR A 43 0.23 21.55 6.85
C THR A 43 -1.08 21.48 6.07
N PRO A 44 -1.42 22.58 5.37
CA PRO A 44 -2.63 22.72 4.57
C PRO A 44 -2.83 21.80 3.39
N ILE A 45 -4.08 21.73 2.92
CA ILE A 45 -4.45 20.95 1.76
C ILE A 45 -4.39 21.97 0.62
N MET A 46 -3.56 21.70 -0.39
CA MET A 46 -3.44 22.62 -1.51
C MET A 46 -4.80 22.85 -2.17
N ARG A 47 -5.03 24.07 -2.65
CA ARG A 47 -6.31 24.46 -3.28
C ARG A 47 -6.80 23.53 -4.38
N ALA A 48 -5.95 23.31 -5.38
CA ALA A 48 -6.28 22.44 -6.50
C ALA A 48 -6.65 21.04 -6.01
N VAL A 49 -5.92 20.56 -5.01
CA VAL A 49 -6.15 19.24 -4.42
C VAL A 49 -7.56 19.13 -3.84
N HIS A 50 -7.99 20.20 -3.16
CA HIS A 50 -9.33 20.23 -2.58
C HIS A 50 -10.36 20.37 -3.70
N ALA A 51 -9.95 20.97 -4.81
CA ALA A 51 -10.84 21.16 -5.96
C ALA A 51 -11.08 19.82 -6.64
N ALA A 52 -10.03 19.03 -6.77
CA ALA A 52 -10.11 17.70 -7.38
C ALA A 52 -10.99 16.77 -6.54
N GLU A 53 -10.90 16.85 -5.22
CA GLU A 53 -11.72 16.00 -4.36
C GLU A 53 -13.22 16.32 -4.44
N GLN A 54 -13.53 17.58 -4.74
CA GLN A 54 -14.93 17.99 -4.88
C GLN A 54 -15.40 17.43 -6.20
N ARG A 55 -14.59 17.65 -7.24
CA ARG A 55 -14.88 17.17 -8.58
C ARG A 55 -15.09 15.65 -8.60
N MET A 56 -14.20 14.92 -7.91
CA MET A 56 -14.27 13.47 -7.83
C MET A 56 -15.55 13.03 -7.11
N LEU A 57 -15.88 13.71 -6.01
CA LEU A 57 -17.07 13.39 -5.23
C LEU A 57 -18.37 13.51 -6.03
N GLU A 58 -18.34 14.32 -7.08
CA GLU A 58 -19.52 14.52 -7.91
C GLU A 58 -19.52 13.73 -9.21
N THR A 59 -18.36 13.23 -9.62
CA THR A 59 -18.29 12.50 -10.88
C THR A 59 -18.05 10.99 -10.78
N GLU A 60 -17.46 10.54 -9.69
CA GLU A 60 -17.21 9.11 -9.54
C GLU A 60 -18.53 8.38 -9.29
N THR A 61 -18.79 7.38 -10.13
CA THR A 61 -20.02 6.59 -10.04
C THR A 61 -19.84 5.20 -9.42
N THR A 62 -18.60 4.75 -9.32
CA THR A 62 -18.31 3.44 -8.76
C THR A 62 -16.91 3.36 -8.17
N LYS A 63 -16.69 2.39 -7.29
CA LYS A 63 -15.39 2.18 -6.66
C LYS A 63 -14.91 0.75 -6.89
N THR A 64 -15.31 0.14 -7.99
CA THR A 64 -14.92 -1.22 -8.32
C THR A 64 -13.42 -1.31 -8.54
N TYR A 65 -12.92 -2.54 -8.67
CA TYR A 65 -11.50 -2.74 -8.91
C TYR A 65 -11.13 -2.07 -10.25
N ALA A 66 -9.98 -1.41 -10.28
CA ALA A 66 -9.53 -0.71 -11.47
C ALA A 66 -8.23 -1.32 -12.00
N GLY A 67 -7.29 -0.49 -12.43
CA GLY A 67 -6.03 -1.02 -12.95
C GLY A 67 -5.10 -1.56 -11.89
N LEU A 68 -4.58 -2.78 -12.11
CA LEU A 68 -3.67 -3.44 -11.19
C LEU A 68 -2.36 -2.67 -11.02
N SER A 69 -1.87 -2.07 -12.10
CA SER A 69 -0.63 -1.31 -12.05
C SER A 69 -0.88 0.21 -12.08
N GLY A 70 -2.14 0.59 -11.97
CA GLY A 70 -2.51 1.99 -12.00
C GLY A 70 -3.39 2.33 -13.19
N GLU A 71 -4.03 3.49 -13.16
CA GLU A 71 -4.86 3.93 -14.27
C GLU A 71 -3.96 4.65 -15.26
N PRO A 72 -4.25 4.51 -16.56
CA PRO A 72 -3.46 5.13 -17.62
C PRO A 72 -3.29 6.66 -17.48
N GLU A 73 -4.37 7.35 -17.10
CA GLU A 73 -4.33 8.80 -16.93
C GLU A 73 -3.23 9.21 -15.96
N PHE A 74 -3.08 8.45 -14.88
CA PHE A 74 -2.07 8.72 -13.87
C PHE A 74 -0.66 8.39 -14.36
N GLN A 75 -0.51 7.25 -15.02
CA GLN A 75 0.79 6.81 -15.53
C GLN A 75 1.35 7.77 -16.56
N LYS A 76 0.49 8.22 -17.48
CA LYS A 76 0.94 9.13 -18.50
C LYS A 76 1.27 10.48 -17.89
N ALA A 77 0.36 10.98 -17.06
CA ALA A 77 0.55 12.28 -16.41
C ALA A 77 1.83 12.37 -15.61
N MET A 78 2.10 11.35 -14.78
CA MET A 78 3.32 11.34 -13.96
C MET A 78 4.57 11.29 -14.83
N GLY A 79 4.57 10.41 -15.82
CA GLY A 79 5.71 10.29 -16.70
C GLY A 79 6.02 11.61 -17.39
N GLU A 80 4.98 12.28 -17.87
CA GLU A 80 5.15 13.57 -18.54
C GLU A 80 5.65 14.62 -17.55
N LEU A 81 5.19 14.54 -16.31
CA LEU A 81 5.57 15.49 -15.28
C LEU A 81 7.06 15.37 -14.96
N ILE A 82 7.53 14.13 -14.85
CA ILE A 82 8.93 13.86 -14.53
C ILE A 82 9.90 13.97 -15.72
N LEU A 83 9.50 13.41 -16.87
CA LEU A 83 10.35 13.39 -18.05
C LEU A 83 10.02 14.38 -19.14
N GLY A 84 8.91 15.10 -18.99
CA GLY A 84 8.51 16.08 -19.99
C GLY A 84 8.39 15.51 -21.39
N ASP A 85 8.78 16.30 -22.39
CA ASP A 85 8.72 15.87 -23.78
C ASP A 85 9.60 14.66 -24.07
N GLY A 86 10.46 14.31 -23.12
CA GLY A 86 11.36 13.20 -23.31
C GLY A 86 10.76 11.83 -23.08
N LEU A 87 9.54 11.77 -22.55
CA LEU A 87 8.89 10.50 -22.28
C LEU A 87 8.70 9.63 -23.53
N LYS A 88 9.40 8.50 -23.56
CA LYS A 88 9.29 7.55 -24.67
C LYS A 88 8.44 6.37 -24.21
N SER A 89 7.12 6.51 -24.34
CA SER A 89 6.17 5.50 -23.93
C SER A 89 6.48 4.08 -24.39
N GLU A 90 7.04 3.94 -25.58
CA GLU A 90 7.38 2.63 -26.13
C GLU A 90 8.29 1.81 -25.22
N THR A 91 9.23 2.48 -24.55
CA THR A 91 10.17 1.78 -23.69
C THR A 91 10.05 2.11 -22.20
N THR A 92 8.98 2.78 -21.81
CA THR A 92 8.80 3.13 -20.41
C THR A 92 7.69 2.29 -19.78
N ALA A 93 8.00 1.66 -18.65
CA ALA A 93 7.02 0.86 -17.89
C ALA A 93 6.67 1.69 -16.65
N THR A 94 5.41 1.73 -16.27
CA THR A 94 5.01 2.52 -15.11
C THR A 94 4.18 1.71 -14.11
N LEU A 95 4.35 1.98 -12.82
CA LEU A 95 3.61 1.29 -11.78
C LEU A 95 3.16 2.24 -10.69
N ALA A 96 1.86 2.34 -10.44
CA ALA A 96 1.36 3.20 -9.38
C ALA A 96 1.70 2.42 -8.11
N THR A 97 2.25 3.10 -7.11
CA THR A 97 2.64 2.44 -5.88
C THR A 97 2.05 3.15 -4.67
N VAL A 98 2.26 2.56 -3.49
CA VAL A 98 1.78 3.16 -2.25
C VAL A 98 2.86 4.15 -1.79
N GLY A 99 2.78 5.36 -2.31
CA GLY A 99 3.77 6.37 -1.98
C GLY A 99 5.09 6.12 -2.72
N GLY A 100 6.04 7.04 -2.53
CA GLY A 100 7.34 6.90 -3.17
C GLY A 100 8.13 5.79 -2.48
N THR A 101 7.84 5.54 -1.21
CA THR A 101 8.51 4.50 -0.44
C THR A 101 8.12 3.14 -1.03
N GLY A 102 6.85 3.00 -1.40
CA GLY A 102 6.38 1.76 -2.00
C GLY A 102 7.09 1.58 -3.32
N ALA A 103 7.35 2.70 -3.99
CA ALA A 103 8.04 2.70 -5.27
C ALA A 103 9.46 2.22 -5.08
N LEU A 104 10.10 2.69 -4.02
CA LEU A 104 11.48 2.29 -3.70
C LEU A 104 11.56 0.79 -3.49
N ARG A 105 10.71 0.27 -2.59
CA ARG A 105 10.66 -1.16 -2.28
C ARG A 105 10.47 -1.99 -3.54
N GLN A 106 9.49 -1.63 -4.37
CA GLN A 106 9.21 -2.34 -5.60
C GLN A 106 10.40 -2.32 -6.56
N ALA A 107 11.07 -1.19 -6.69
CA ALA A 107 12.22 -1.08 -7.58
C ALA A 107 13.32 -2.02 -7.11
N LEU A 108 13.48 -2.08 -5.79
CA LEU A 108 14.46 -2.94 -5.15
C LEU A 108 14.13 -4.40 -5.46
N GLU A 109 12.86 -4.77 -5.32
CA GLU A 109 12.42 -6.15 -5.60
C GLU A 109 12.62 -6.52 -7.07
N LEU A 110 12.27 -5.60 -7.97
CA LEU A 110 12.41 -5.83 -9.40
C LEU A 110 13.86 -6.03 -9.80
N ALA A 111 14.73 -5.15 -9.33
CA ALA A 111 16.16 -5.22 -9.62
C ALA A 111 16.77 -6.52 -9.11
N ARG A 112 16.39 -6.93 -7.90
CA ARG A 112 16.89 -8.16 -7.30
C ARG A 112 16.29 -9.36 -8.05
N MET A 113 15.11 -9.17 -8.61
CA MET A 113 14.43 -10.20 -9.37
C MET A 113 15.17 -10.43 -10.68
N ALA A 114 15.74 -9.37 -11.25
CA ALA A 114 16.49 -9.45 -12.50
C ALA A 114 17.97 -9.74 -12.29
N ASN A 115 18.44 -9.52 -11.07
CA ASN A 115 19.84 -9.74 -10.72
C ASN A 115 19.95 -10.07 -9.23
N PRO A 116 20.03 -11.38 -8.90
CA PRO A 116 20.14 -11.88 -7.53
C PRO A 116 21.36 -11.38 -6.75
N ASP A 117 22.47 -11.17 -7.44
CA ASP A 117 23.70 -10.71 -6.79
C ASP A 117 23.82 -9.20 -6.71
N LEU A 118 22.67 -8.52 -6.74
CA LEU A 118 22.60 -7.07 -6.68
C LEU A 118 23.22 -6.44 -5.42
N ARG A 119 23.94 -5.34 -5.63
CA ARG A 119 24.54 -4.58 -4.55
C ARG A 119 24.02 -3.17 -4.75
N VAL A 120 23.71 -2.46 -3.67
CA VAL A 120 23.21 -1.11 -3.82
C VAL A 120 24.18 -0.11 -3.19
N PHE A 121 24.40 0.99 -3.88
CA PHE A 121 25.28 2.07 -3.38
C PHE A 121 24.36 3.22 -2.98
N VAL A 122 24.49 3.67 -1.74
CA VAL A 122 23.69 4.77 -1.23
C VAL A 122 24.63 5.88 -0.81
N SER A 123 24.16 7.12 -0.91
CA SER A 123 25.00 8.25 -0.55
C SER A 123 25.29 8.27 0.93
N ASP A 124 26.31 9.02 1.29
CA ASP A 124 26.68 9.18 2.69
C ASP A 124 26.53 10.65 3.04
N PRO A 125 25.45 11.01 3.76
CA PRO A 125 24.38 10.15 4.25
C PRO A 125 23.21 10.10 3.28
N THR A 126 22.14 9.45 3.70
CA THR A 126 20.95 9.32 2.88
C THR A 126 19.76 9.17 3.81
N TRP A 127 18.57 9.11 3.22
CA TRP A 127 17.33 8.95 3.95
C TRP A 127 17.41 7.61 4.67
N PRO A 128 17.37 7.60 6.01
CA PRO A 128 17.45 6.35 6.78
C PRO A 128 16.53 5.23 6.29
N ASN A 129 15.35 5.58 5.78
CA ASN A 129 14.43 4.58 5.26
C ASN A 129 15.07 3.73 4.17
N HIS A 130 15.97 4.33 3.39
CA HIS A 130 16.66 3.60 2.31
C HIS A 130 17.39 2.37 2.85
N VAL A 131 18.33 2.63 3.73
CA VAL A 131 19.14 1.60 4.34
C VAL A 131 18.26 0.59 5.05
N SER A 132 17.26 1.08 5.77
CA SER A 132 16.37 0.20 6.51
C SER A 132 15.71 -0.87 5.63
N ILE A 133 15.12 -0.44 4.52
CA ILE A 133 14.45 -1.35 3.59
C ILE A 133 15.44 -2.38 3.06
N MET A 134 16.59 -1.90 2.64
CA MET A 134 17.65 -2.76 2.11
C MET A 134 18.10 -3.80 3.14
N ASN A 135 18.38 -3.36 4.36
CA ASN A 135 18.79 -4.27 5.42
C ASN A 135 17.71 -5.31 5.62
N PHE A 136 16.46 -4.89 5.53
CA PHE A 136 15.34 -5.80 5.70
C PHE A 136 15.30 -6.85 4.60
N MET A 137 15.60 -6.44 3.38
CA MET A 137 15.60 -7.35 2.24
C MET A 137 16.84 -8.22 2.21
N GLY A 138 17.84 -7.90 3.03
CA GLY A 138 19.08 -8.67 3.08
C GLY A 138 20.08 -8.31 1.99
N LEU A 139 19.79 -7.25 1.26
CA LEU A 139 20.64 -6.78 0.18
C LEU A 139 21.94 -6.17 0.70
N PRO A 140 23.04 -6.36 -0.06
CA PRO A 140 24.34 -5.81 0.33
C PRO A 140 24.24 -4.30 0.09
N VAL A 141 24.79 -3.50 1.00
CA VAL A 141 24.72 -2.05 0.85
C VAL A 141 26.12 -1.45 0.95
N GLN A 142 26.45 -0.62 -0.03
CA GLN A 142 27.74 0.04 -0.13
C GLN A 142 27.47 1.53 -0.05
N THR A 143 28.43 2.28 0.46
CA THR A 143 28.29 3.73 0.61
C THR A 143 29.22 4.51 -0.33
N TYR A 144 28.78 5.69 -0.76
CA TYR A 144 29.60 6.56 -1.58
C TYR A 144 29.61 7.93 -0.92
N ARG A 145 30.80 8.48 -0.73
CA ARG A 145 30.95 9.79 -0.09
C ARG A 145 30.04 10.81 -0.77
N TYR A 146 29.40 11.67 0.02
CA TYR A 146 28.53 12.68 -0.54
C TYR A 146 28.63 14.03 0.16
N PHE A 147 28.15 14.12 1.39
CA PHE A 147 28.18 15.36 2.14
C PHE A 147 29.57 15.68 2.65
N ASP A 148 30.01 16.90 2.44
CA ASP A 148 31.30 17.33 2.91
C ASP A 148 30.98 18.12 4.19
N ALA A 149 31.24 17.52 5.34
CA ALA A 149 30.94 18.15 6.62
C ALA A 149 31.56 19.53 6.87
N GLU A 150 32.68 19.83 6.22
CA GLU A 150 33.33 21.12 6.43
C GLU A 150 32.69 22.25 5.64
N THR A 151 32.47 22.02 4.35
CA THR A 151 31.88 23.04 3.50
C THR A 151 30.36 22.93 3.43
N ARG A 152 29.85 21.81 3.96
CA ARG A 152 28.43 21.49 3.95
C ARG A 152 27.98 21.36 2.50
N GLY A 153 28.94 21.13 1.61
CA GLY A 153 28.65 20.98 0.20
C GLY A 153 28.89 19.56 -0.28
N VAL A 154 28.85 19.34 -1.58
CA VAL A 154 29.06 18.01 -2.14
C VAL A 154 30.52 17.65 -2.38
N ASP A 155 30.94 16.54 -1.79
CA ASP A 155 32.28 16.01 -1.93
C ASP A 155 32.27 15.23 -3.24
N PHE A 156 32.29 15.94 -4.37
CA PHE A 156 32.23 15.29 -5.68
C PHE A 156 33.43 14.42 -6.06
N GLU A 157 34.62 14.81 -5.61
CA GLU A 157 35.80 14.01 -5.90
C GLU A 157 35.64 12.64 -5.25
N GLY A 158 35.20 12.63 -3.99
CA GLY A 158 34.99 11.39 -3.28
C GLY A 158 33.84 10.59 -3.86
N MET A 159 32.77 11.27 -4.25
CA MET A 159 31.62 10.62 -4.83
C MET A 159 32.01 9.83 -6.10
N LYS A 160 32.74 10.50 -7.00
CA LYS A 160 33.18 9.89 -8.24
C LYS A 160 34.15 8.73 -7.97
N ALA A 161 35.11 8.96 -7.07
CA ALA A 161 36.10 7.96 -6.69
C ALA A 161 35.45 6.67 -6.18
N ASP A 162 34.40 6.80 -5.37
CA ASP A 162 33.71 5.64 -4.81
C ASP A 162 32.78 4.95 -5.81
N LEU A 163 32.08 5.73 -6.64
CA LEU A 163 31.19 5.16 -7.63
C LEU A 163 31.98 4.42 -8.70
N ALA A 164 33.26 4.77 -8.84
CA ALA A 164 34.11 4.13 -9.82
C ALA A 164 34.30 2.64 -9.52
N ALA A 165 33.97 2.24 -8.30
CA ALA A 165 34.10 0.86 -7.87
C ALA A 165 32.85 0.01 -8.10
N ALA A 166 31.82 0.59 -8.71
CA ALA A 166 30.58 -0.15 -8.97
C ALA A 166 30.77 -1.03 -10.21
N LYS A 167 30.21 -2.23 -10.16
CA LYS A 167 30.33 -3.14 -11.29
C LYS A 167 28.99 -3.20 -12.05
N LYS A 168 29.04 -3.73 -13.26
CA LYS A 168 27.85 -3.89 -14.09
C LYS A 168 26.84 -4.72 -13.30
N GLY A 169 25.61 -4.24 -13.25
CA GLY A 169 24.57 -4.95 -12.52
C GLY A 169 24.26 -4.34 -11.16
N ASP A 170 25.24 -3.67 -10.56
CA ASP A 170 25.03 -3.02 -9.28
C ASP A 170 24.05 -1.86 -9.48
N MET A 171 23.46 -1.42 -8.37
CA MET A 171 22.50 -0.33 -8.38
C MET A 171 23.03 0.87 -7.59
N VAL A 172 22.91 2.05 -8.18
CA VAL A 172 23.33 3.29 -7.52
C VAL A 172 22.10 4.13 -7.26
N LEU A 173 21.85 4.44 -5.99
CA LEU A 173 20.69 5.23 -5.59
C LEU A 173 21.01 6.72 -5.52
N LEU A 174 20.40 7.50 -6.41
CA LEU A 174 20.61 8.95 -6.46
C LEU A 174 19.34 9.71 -6.12
N HIS A 175 19.48 10.81 -5.39
CA HIS A 175 18.34 11.66 -5.07
C HIS A 175 18.25 12.59 -6.28
N GLY A 176 17.09 12.62 -6.93
CA GLY A 176 16.93 13.49 -8.08
C GLY A 176 17.19 14.95 -7.79
N CYS A 177 16.75 15.41 -6.61
CA CYS A 177 16.95 16.80 -6.20
C CYS A 177 16.64 16.96 -4.73
N CYS A 178 16.97 18.12 -4.16
CA CYS A 178 16.71 18.42 -2.75
C CYS A 178 17.08 17.23 -1.88
N HIS A 179 18.38 16.96 -1.79
CA HIS A 179 18.89 15.85 -1.03
C HIS A 179 18.42 15.87 0.41
N ASN A 180 17.72 14.80 0.79
CA ASN A 180 17.22 14.61 2.15
C ASN A 180 18.26 13.66 2.75
N PRO A 181 18.84 14.00 3.91
CA PRO A 181 18.69 15.17 4.79
C PRO A 181 19.58 16.40 4.57
N THR A 182 20.67 16.25 3.82
CA THR A 182 21.62 17.34 3.64
C THR A 182 21.24 18.67 3.03
N GLY A 183 20.53 18.67 1.92
CA GLY A 183 20.18 19.92 1.26
C GLY A 183 21.24 20.29 0.23
N ALA A 184 22.38 19.61 0.26
CA ALA A 184 23.46 19.85 -0.70
C ALA A 184 23.09 19.12 -1.98
N ASN A 185 23.23 19.76 -3.12
CA ASN A 185 22.86 19.13 -4.38
C ASN A 185 23.91 19.20 -5.49
N LEU A 186 23.72 18.36 -6.51
CA LEU A 186 24.62 18.29 -7.65
C LEU A 186 24.17 19.26 -8.73
N THR A 187 25.12 19.85 -9.43
CA THR A 187 24.79 20.76 -10.51
C THR A 187 24.61 19.91 -11.76
N LEU A 188 23.99 20.46 -12.79
CA LEU A 188 23.78 19.71 -14.03
C LEU A 188 25.10 19.18 -14.63
N ASP A 189 26.18 19.94 -14.50
CA ASP A 189 27.49 19.51 -15.01
C ASP A 189 28.01 18.30 -14.23
N GLN A 190 27.76 18.27 -12.93
CA GLN A 190 28.18 17.16 -12.09
C GLN A 190 27.34 15.93 -12.45
N TRP A 191 26.08 16.15 -12.81
CA TRP A 191 25.19 15.07 -13.22
C TRP A 191 25.72 14.44 -14.50
N ALA A 192 26.20 15.29 -15.42
CA ALA A 192 26.76 14.84 -16.68
C ALA A 192 27.96 13.90 -16.46
N GLU A 193 28.81 14.23 -15.48
CA GLU A 193 29.96 13.40 -15.18
C GLU A 193 29.51 12.08 -14.53
N ILE A 194 28.49 12.15 -13.68
CA ILE A 194 27.96 10.97 -13.01
C ILE A 194 27.42 10.04 -14.09
N ALA A 195 26.83 10.61 -15.12
CA ALA A 195 26.28 9.83 -16.22
C ALA A 195 27.38 9.03 -16.88
N SER A 196 28.52 9.68 -17.13
CA SER A 196 29.67 9.03 -17.75
C SER A 196 30.14 7.85 -16.92
N ILE A 197 30.25 8.08 -15.61
CA ILE A 197 30.69 7.05 -14.68
C ILE A 197 29.70 5.88 -14.70
N LEU A 198 28.41 6.16 -14.80
CA LEU A 198 27.41 5.13 -14.84
C LEU A 198 27.45 4.33 -16.15
N GLU A 199 27.73 4.99 -17.26
CA GLU A 199 27.82 4.33 -18.56
C GLU A 199 29.00 3.36 -18.50
N LYS A 200 30.12 3.89 -18.04
CA LYS A 200 31.37 3.16 -17.93
C LYS A 200 31.25 1.89 -17.09
N THR A 201 30.72 2.04 -15.88
CA THR A 201 30.57 0.91 -14.96
C THR A 201 29.39 0.00 -15.28
N GLY A 202 28.39 0.52 -15.99
CA GLY A 202 27.24 -0.29 -16.32
C GLY A 202 26.33 -0.54 -15.12
N ALA A 203 26.36 0.39 -14.16
CA ALA A 203 25.51 0.27 -13.00
C ALA A 203 24.12 0.83 -13.36
N LEU A 204 23.11 0.36 -12.64
CA LEU A 204 21.73 0.78 -12.85
C LEU A 204 21.38 1.91 -11.88
N PRO A 205 21.01 3.08 -12.41
CA PRO A 205 20.67 4.18 -11.50
C PRO A 205 19.22 4.16 -11.03
N LEU A 206 19.04 4.27 -9.72
CA LEU A 206 17.72 4.34 -9.13
C LEU A 206 17.59 5.75 -8.60
N ILE A 207 16.73 6.55 -9.23
CA ILE A 207 16.52 7.92 -8.83
C ILE A 207 15.30 8.10 -7.93
N ASP A 208 15.56 8.58 -6.72
CA ASP A 208 14.53 8.86 -5.74
C ASP A 208 14.13 10.33 -5.95
N LEU A 209 12.98 10.54 -6.61
CA LEU A 209 12.46 11.89 -6.89
C LEU A 209 11.23 12.16 -6.01
N ALA A 210 11.46 12.78 -4.86
CA ALA A 210 10.40 13.06 -3.93
C ALA A 210 10.08 14.54 -3.72
N TYR A 211 10.95 15.42 -4.20
CA TYR A 211 10.74 16.86 -4.02
C TYR A 211 10.73 17.70 -5.28
N GLN A 212 10.16 17.19 -6.36
CA GLN A 212 10.11 17.96 -7.61
C GLN A 212 9.24 19.19 -7.41
N GLY A 213 9.87 20.35 -7.49
CA GLY A 213 9.17 21.61 -7.29
C GLY A 213 9.58 22.41 -6.06
N PHE A 214 10.36 21.83 -5.16
CA PHE A 214 10.80 22.52 -3.94
C PHE A 214 12.22 23.07 -4.06
N GLY A 215 12.90 22.75 -5.15
CA GLY A 215 14.26 23.22 -5.34
C GLY A 215 14.29 24.52 -6.11
N ASP A 216 14.41 24.42 -7.42
CA ASP A 216 14.44 25.58 -8.31
C ASP A 216 13.22 25.66 -9.21
N GLY A 217 12.31 24.69 -9.08
CA GLY A 217 11.11 24.67 -9.91
C GLY A 217 10.82 23.27 -10.43
N LEU A 218 9.66 23.06 -11.03
CA LEU A 218 9.30 21.73 -11.55
C LEU A 218 10.26 21.20 -12.61
N GLU A 219 10.49 22.01 -13.65
CA GLU A 219 11.37 21.60 -14.73
C GLU A 219 12.83 21.48 -14.29
N GLU A 220 13.32 22.50 -13.61
CA GLU A 220 14.70 22.55 -13.13
C GLU A 220 15.04 21.38 -12.24
N ASP A 221 14.10 21.01 -11.37
CA ASP A 221 14.30 19.89 -10.44
C ASP A 221 14.40 18.54 -11.15
N ALA A 222 13.74 18.45 -12.31
CA ALA A 222 13.75 17.21 -13.07
C ALA A 222 14.89 17.18 -14.08
N ALA A 223 15.68 18.25 -14.13
CA ALA A 223 16.79 18.34 -15.08
C ALA A 223 17.81 17.20 -14.94
N GLY A 224 18.20 16.89 -13.70
CA GLY A 224 19.16 15.83 -13.48
C GLY A 224 18.61 14.49 -13.93
N THR A 225 17.38 14.23 -13.53
CA THR A 225 16.70 13.01 -13.88
C THR A 225 16.59 12.85 -15.39
N ARG A 226 16.36 13.96 -16.09
CA ARG A 226 16.22 13.94 -17.55
C ARG A 226 17.54 13.72 -18.28
N LEU A 227 18.65 14.09 -17.66
CA LEU A 227 19.95 13.88 -18.28
C LEU A 227 20.27 12.39 -18.21
N ILE A 228 19.99 11.79 -17.05
CA ILE A 228 20.24 10.37 -16.83
C ILE A 228 19.38 9.51 -17.77
N ALA A 229 18.11 9.88 -17.92
CA ALA A 229 17.21 9.13 -18.78
C ALA A 229 17.61 9.18 -20.24
N SER A 230 18.16 10.31 -20.67
CA SER A 230 18.56 10.45 -22.05
C SER A 230 19.89 9.75 -22.40
N ARG A 231 20.80 9.69 -21.44
CA ARG A 231 22.09 9.05 -21.67
C ARG A 231 22.24 7.60 -21.24
N ILE A 232 21.47 7.19 -20.23
CA ILE A 232 21.52 5.81 -19.72
C ILE A 232 20.31 5.05 -20.24
N PRO A 233 20.53 3.86 -20.86
CA PRO A 233 19.45 3.03 -21.42
C PRO A 233 18.44 2.45 -20.43
N GLU A 234 18.88 2.05 -19.26
CA GLU A 234 17.99 1.51 -18.23
C GLU A 234 18.05 2.38 -17.00
N VAL A 235 16.90 2.90 -16.57
CA VAL A 235 16.84 3.77 -15.40
C VAL A 235 15.57 3.50 -14.61
N LEU A 236 15.68 3.48 -13.29
CA LEU A 236 14.53 3.27 -12.42
C LEU A 236 14.27 4.57 -11.65
N ILE A 237 13.04 5.06 -11.69
CA ILE A 237 12.67 6.31 -11.01
C ILE A 237 11.52 6.11 -10.03
N ALA A 238 11.74 6.39 -8.76
CA ALA A 238 10.71 6.24 -7.75
C ALA A 238 10.21 7.64 -7.38
N ALA A 239 9.06 8.02 -7.92
CA ALA A 239 8.51 9.35 -7.68
C ALA A 239 7.43 9.43 -6.63
N SER A 240 7.52 10.47 -5.80
CA SER A 240 6.54 10.70 -4.75
C SER A 240 5.66 11.93 -5.04
N CYS A 241 4.38 11.82 -4.71
CA CYS A 241 3.42 12.90 -4.87
C CYS A 241 3.04 13.42 -3.49
N SER A 242 3.62 12.80 -2.46
CA SER A 242 3.33 13.18 -1.08
C SER A 242 3.55 14.65 -0.76
N LYS A 243 4.78 15.14 -0.96
CA LYS A 243 5.10 16.53 -0.66
C LYS A 243 4.69 17.60 -1.68
N ASN A 244 5.05 17.44 -2.96
CA ASN A 244 4.70 18.44 -3.96
C ASN A 244 3.22 18.58 -4.29
N PHE A 245 2.41 17.71 -3.70
CA PHE A 245 0.97 17.76 -3.90
C PHE A 245 0.32 17.86 -2.52
N GLY A 246 1.13 17.71 -1.47
CA GLY A 246 0.62 17.78 -0.11
C GLY A 246 -0.38 16.71 0.28
N ILE A 247 -0.26 15.52 -0.30
CA ILE A 247 -1.18 14.41 0.00
C ILE A 247 -0.48 13.25 0.69
N TYR A 248 0.41 13.57 1.63
CA TYR A 248 1.18 12.60 2.40
C TYR A 248 0.45 11.30 2.76
N ARG A 249 -0.63 11.43 3.52
CA ARG A 249 -1.43 10.30 3.99
C ARG A 249 -2.20 9.52 2.94
N GLU A 250 -2.35 10.07 1.75
CA GLU A 250 -3.08 9.37 0.70
C GLU A 250 -2.25 8.22 0.13
N ARG A 251 -0.92 8.34 0.22
CA ARG A 251 0.03 7.33 -0.25
C ARG A 251 0.04 7.19 -1.77
N THR A 252 0.58 8.20 -2.44
CA THR A 252 0.62 8.24 -3.90
C THR A 252 2.03 8.44 -4.46
N GLY A 253 2.46 7.50 -5.29
CA GLY A 253 3.76 7.59 -5.92
C GLY A 253 3.75 6.67 -7.13
N CYS A 254 4.88 6.55 -7.80
CA CYS A 254 4.95 5.66 -8.95
C CYS A 254 6.39 5.26 -9.34
N LEU A 255 6.54 4.03 -9.83
CA LEU A 255 7.82 3.50 -10.25
C LEU A 255 7.88 3.53 -11.77
N LEU A 256 8.90 4.19 -12.30
CA LEU A 256 9.08 4.27 -13.74
C LEU A 256 10.31 3.45 -14.12
N ALA A 257 10.12 2.52 -15.06
CA ALA A 257 11.20 1.67 -15.54
C ALA A 257 11.52 2.03 -17.01
N LEU A 258 12.60 2.75 -17.21
CA LEU A 258 13.01 3.15 -18.56
C LEU A 258 13.88 2.02 -19.09
N CYS A 259 13.39 1.36 -20.14
CA CYS A 259 14.06 0.22 -20.74
C CYS A 259 14.74 0.51 -22.08
N ALA A 260 15.55 -0.45 -22.52
CA ALA A 260 16.30 -0.36 -23.76
C ALA A 260 15.46 -0.60 -25.01
N ASP A 261 14.44 -1.43 -24.90
CA ASP A 261 13.57 -1.74 -26.03
C ASP A 261 12.16 -2.13 -25.59
N ALA A 262 11.23 -2.10 -26.53
CA ALA A 262 9.84 -2.44 -26.26
C ALA A 262 9.67 -3.83 -25.64
N ALA A 263 10.46 -4.79 -26.11
CA ALA A 263 10.39 -6.17 -25.61
C ALA A 263 10.72 -6.21 -24.13
N THR A 264 11.71 -5.43 -23.71
CA THR A 264 12.11 -5.38 -22.32
C THR A 264 11.04 -4.63 -21.51
N ARG A 265 10.45 -3.60 -22.11
CA ARG A 265 9.41 -2.83 -21.43
C ARG A 265 8.26 -3.76 -21.07
N GLU A 266 7.87 -4.60 -22.02
CA GLU A 266 6.79 -5.55 -21.79
C GLU A 266 7.13 -6.52 -20.66
N LEU A 267 8.41 -6.86 -20.56
CA LEU A 267 8.90 -7.78 -19.55
C LEU A 267 8.89 -7.13 -18.17
N ALA A 268 9.33 -5.88 -18.10
CA ALA A 268 9.37 -5.12 -16.86
C ALA A 268 7.96 -4.80 -16.37
N GLN A 269 7.10 -4.41 -17.29
CA GLN A 269 5.73 -4.06 -16.96
C GLN A 269 5.01 -5.24 -16.34
N GLY A 270 5.18 -6.41 -16.97
CA GLY A 270 4.55 -7.61 -16.48
C GLY A 270 5.02 -7.94 -15.08
N ALA A 271 6.33 -7.79 -14.84
CA ALA A 271 6.90 -8.08 -13.53
C ALA A 271 6.42 -7.09 -12.45
N MET A 272 6.30 -5.83 -12.82
CA MET A 272 5.84 -4.80 -11.88
C MET A 272 4.41 -5.12 -11.46
N ALA A 273 3.54 -5.39 -12.44
CA ALA A 273 2.16 -5.72 -12.17
C ALA A 273 2.10 -6.95 -11.25
N PHE A 274 2.98 -7.92 -11.52
CA PHE A 274 3.09 -9.14 -10.72
C PHE A 274 3.44 -8.80 -9.27
N LEU A 275 4.40 -7.91 -9.10
CA LEU A 275 4.89 -7.45 -7.79
C LEU A 275 3.77 -6.81 -6.94
N ASN A 276 2.95 -5.97 -7.57
CA ASN A 276 1.84 -5.32 -6.87
C ASN A 276 0.90 -6.40 -6.35
N ARG A 277 0.57 -7.32 -7.26
CA ARG A 277 -0.32 -8.43 -6.98
C ARG A 277 0.11 -9.31 -5.80
N GLN A 278 1.43 -9.55 -5.70
CA GLN A 278 1.95 -10.39 -4.62
C GLN A 278 2.17 -9.64 -3.31
N THR A 279 1.85 -8.35 -3.30
CA THR A 279 2.02 -7.54 -2.10
C THR A 279 0.70 -7.01 -1.53
N TYR A 280 -0.18 -6.54 -2.42
CA TYR A 280 -1.48 -6.00 -2.01
C TYR A 280 -2.47 -5.97 -3.15
N SER A 281 -2.08 -6.56 -4.28
CA SER A 281 -2.92 -6.60 -5.46
C SER A 281 -3.05 -5.20 -6.09
N PHE A 282 -4.21 -4.58 -5.97
CA PHE A 282 -4.43 -3.26 -6.56
C PHE A 282 -3.88 -2.13 -5.71
N PRO A 283 -3.33 -1.08 -6.34
CA PRO A 283 -2.78 0.06 -5.60
C PRO A 283 -3.89 1.05 -5.21
N PRO A 284 -3.61 1.92 -4.24
CA PRO A 284 -4.59 2.91 -3.78
C PRO A 284 -5.05 3.84 -4.92
N PHE A 285 -6.35 4.09 -5.00
CA PHE A 285 -6.92 4.94 -6.03
C PHE A 285 -7.05 6.45 -5.76
N HIS A 286 -7.62 6.82 -4.62
CA HIS A 286 -7.87 8.22 -4.28
C HIS A 286 -6.81 9.27 -4.63
N GLY A 287 -5.62 9.16 -4.04
CA GLY A 287 -4.57 10.12 -4.30
C GLY A 287 -4.16 10.21 -5.75
N ALA A 288 -4.03 9.05 -6.40
CA ALA A 288 -3.62 9.00 -7.80
C ALA A 288 -4.64 9.71 -8.67
N LYS A 289 -5.91 9.55 -8.34
CA LYS A 289 -6.97 10.20 -9.10
C LYS A 289 -6.95 11.73 -8.87
N ILE A 290 -6.58 12.16 -7.67
CA ILE A 290 -6.50 13.59 -7.37
C ILE A 290 -5.42 14.17 -8.25
N VAL A 291 -4.27 13.51 -8.30
CA VAL A 291 -3.13 13.93 -9.08
C VAL A 291 -3.39 14.02 -10.59
N SER A 292 -3.97 12.97 -11.19
CA SER A 292 -4.25 13.00 -12.62
C SER A 292 -5.26 14.08 -12.94
N THR A 293 -6.23 14.29 -12.04
CA THR A 293 -7.25 15.32 -12.22
C THR A 293 -6.61 16.72 -12.28
N VAL A 294 -5.74 17.02 -11.32
CA VAL A 294 -5.07 18.31 -11.28
C VAL A 294 -4.22 18.48 -12.53
N LEU A 295 -3.40 17.47 -12.82
CA LEU A 295 -2.51 17.49 -13.97
C LEU A 295 -3.17 17.60 -15.35
N THR A 296 -4.36 17.04 -15.51
CA THR A 296 -5.04 17.10 -16.80
C THR A 296 -6.00 18.27 -16.95
N THR A 297 -6.48 18.80 -15.82
CA THR A 297 -7.39 19.94 -15.82
C THR A 297 -6.59 21.24 -15.81
N PRO A 298 -6.48 21.91 -16.97
CA PRO A 298 -5.74 23.16 -17.16
C PRO A 298 -5.88 24.16 -16.00
N GLU A 299 -7.12 24.42 -15.60
CA GLU A 299 -7.40 25.36 -14.52
C GLU A 299 -6.72 24.91 -13.22
N LEU A 300 -6.95 23.66 -12.86
CA LEU A 300 -6.39 23.09 -11.64
C LEU A 300 -4.86 23.04 -11.70
N ARG A 301 -4.34 22.51 -12.81
CA ARG A 301 -2.89 22.40 -13.00
C ARG A 301 -2.23 23.75 -12.77
N ALA A 302 -2.85 24.79 -13.32
CA ALA A 302 -2.34 26.16 -13.21
C ALA A 302 -2.26 26.63 -11.76
N ASP A 303 -3.35 26.39 -11.02
CA ASP A 303 -3.42 26.81 -9.63
C ASP A 303 -2.42 26.05 -8.75
N TRP A 304 -2.25 24.76 -9.02
CA TRP A 304 -1.33 23.92 -8.26
C TRP A 304 0.11 24.38 -8.46
N MET A 305 0.49 24.60 -9.71
CA MET A 305 1.84 25.06 -10.01
C MET A 305 2.06 26.40 -9.32
N ALA A 306 1.06 27.26 -9.40
CA ALA A 306 1.13 28.57 -8.80
C ALA A 306 1.33 28.47 -7.30
N GLU A 307 0.59 27.57 -6.65
CA GLU A 307 0.72 27.40 -5.21
C GLU A 307 2.06 26.77 -4.83
N LEU A 308 2.51 25.80 -5.61
CA LEU A 308 3.78 25.14 -5.35
C LEU A 308 4.90 26.18 -5.43
N GLU A 309 4.80 27.07 -6.42
CA GLU A 309 5.78 28.12 -6.60
C GLU A 309 5.85 29.08 -5.43
N ALA A 310 4.69 29.42 -4.87
CA ALA A 310 4.63 30.33 -3.73
C ALA A 310 5.39 29.66 -2.58
N VAL A 311 5.08 28.38 -2.36
CA VAL A 311 5.74 27.59 -1.32
C VAL A 311 7.27 27.64 -1.49
N ARG A 312 7.74 27.30 -2.70
CA ARG A 312 9.17 27.27 -3.02
C ARG A 312 9.85 28.61 -2.73
N SER A 313 9.31 29.68 -3.30
CA SER A 313 9.89 31.02 -3.11
C SER A 313 9.86 31.43 -1.65
N GLY A 314 8.82 31.05 -0.94
CA GLY A 314 8.73 31.37 0.47
C GLY A 314 9.88 30.75 1.25
N MET A 315 10.16 29.47 0.99
CA MET A 315 11.25 28.75 1.66
C MET A 315 12.60 29.31 1.25
N LEU A 316 12.73 29.65 -0.03
CA LEU A 316 13.98 30.21 -0.53
C LEU A 316 14.30 31.54 0.16
N ARG A 317 13.27 32.33 0.44
CA ARG A 317 13.46 33.62 1.11
C ARG A 317 13.88 33.39 2.54
N LEU A 318 13.34 32.33 3.14
CA LEU A 318 13.68 31.97 4.51
C LEU A 318 15.17 31.64 4.58
N ARG A 319 15.66 30.93 3.58
CA ARG A 319 17.08 30.57 3.52
C ARG A 319 17.96 31.81 3.47
N GLU A 320 17.60 32.74 2.60
CA GLU A 320 18.34 33.99 2.44
C GLU A 320 18.35 34.80 3.75
N GLN A 321 17.21 34.86 4.44
CA GLN A 321 17.10 35.57 5.69
C GLN A 321 18.00 34.96 6.75
N LEU A 322 17.85 33.66 6.97
CA LEU A 322 18.67 32.94 7.95
C LEU A 322 20.15 33.17 7.63
N ALA A 323 20.50 33.02 6.36
CA ALA A 323 21.88 33.23 5.91
C ALA A 323 22.31 34.67 6.19
N GLY A 324 21.41 35.62 5.95
CA GLY A 324 21.72 37.01 6.19
C GLY A 324 22.00 37.24 7.66
N GLU A 325 21.11 36.73 8.49
CA GLU A 325 21.23 36.84 9.93
C GLU A 325 22.55 36.23 10.40
N LEU A 326 22.84 35.02 9.93
CA LEU A 326 24.06 34.32 10.31
C LEU A 326 25.31 35.08 9.89
N ARG A 327 25.23 35.78 8.76
CA ARG A 327 26.35 36.58 8.27
C ARG A 327 26.56 37.80 9.18
N ASP A 328 25.47 38.48 9.52
CA ASP A 328 25.54 39.66 10.39
C ASP A 328 26.11 39.31 11.76
N LEU A 329 25.68 38.17 12.31
CA LEU A 329 26.13 37.71 13.61
C LEU A 329 27.52 37.10 13.60
N SER A 330 27.88 36.38 12.54
CA SER A 330 29.18 35.74 12.49
C SER A 330 30.30 36.65 12.03
N GLY A 331 29.95 37.63 11.22
CA GLY A 331 30.96 38.52 10.69
C GLY A 331 31.80 37.78 9.67
N SER A 332 31.19 36.78 9.03
CA SER A 332 31.84 35.97 8.02
C SER A 332 30.80 35.41 7.06
N ASP A 333 31.27 34.71 6.03
CA ASP A 333 30.38 34.10 5.05
C ASP A 333 30.38 32.59 5.22
N ARG A 334 30.67 32.14 6.44
CA ARG A 334 30.73 30.72 6.75
C ARG A 334 29.43 29.94 6.51
N PHE A 335 28.32 30.47 7.01
CA PHE A 335 27.04 29.80 6.86
C PHE A 335 26.32 30.15 5.57
N GLY A 336 27.09 30.53 4.56
CA GLY A 336 26.51 30.88 3.28
C GLY A 336 25.86 29.70 2.59
N PHE A 337 26.32 28.49 2.94
CA PHE A 337 25.81 27.26 2.36
C PHE A 337 24.30 27.14 2.58
N VAL A 338 23.81 27.74 3.65
CA VAL A 338 22.38 27.69 3.96
C VAL A 338 21.57 28.24 2.80
N ALA A 339 22.09 29.30 2.19
CA ALA A 339 21.44 29.96 1.06
C ALA A 339 21.59 29.17 -0.24
N GLU A 340 22.62 28.32 -0.30
CA GLU A 340 22.88 27.52 -1.49
C GLU A 340 22.11 26.19 -1.50
N HIS A 341 21.87 25.62 -0.33
CA HIS A 341 21.12 24.36 -0.26
C HIS A 341 19.73 24.57 -0.86
N ARG A 342 19.11 23.48 -1.31
CA ARG A 342 17.77 23.53 -1.88
C ARG A 342 16.93 22.44 -1.21
N GLY A 343 15.61 22.65 -1.19
CA GLY A 343 14.71 21.71 -0.56
C GLY A 343 14.34 22.25 0.80
N MET A 344 13.52 21.53 1.56
CA MET A 344 13.13 22.02 2.88
C MET A 344 14.02 21.58 4.03
N PHE A 345 15.12 20.89 3.73
CA PHE A 345 16.03 20.43 4.77
C PHE A 345 17.43 20.94 4.53
N SER A 346 18.20 20.99 5.60
CA SER A 346 19.59 21.40 5.53
C SER A 346 20.29 20.83 6.73
N ARG A 347 21.48 20.27 6.51
CA ARG A 347 22.26 19.74 7.61
C ARG A 347 23.19 20.87 8.01
N LEU A 348 23.09 21.31 9.25
CA LEU A 348 23.94 22.38 9.75
C LEU A 348 25.39 21.92 9.91
N GLY A 349 25.57 20.64 10.16
CA GLY A 349 26.93 20.13 10.36
C GLY A 349 27.38 20.33 11.79
N ALA A 350 26.43 20.26 12.73
CA ALA A 350 26.74 20.42 14.16
C ALA A 350 26.90 19.03 14.75
N THR A 351 27.82 18.87 15.69
CA THR A 351 28.03 17.58 16.32
C THR A 351 26.87 17.29 17.27
N PRO A 352 26.65 16.02 17.62
CA PRO A 352 25.55 15.67 18.53
C PRO A 352 25.62 16.43 19.87
N GLU A 353 26.84 16.84 20.26
CA GLU A 353 27.02 17.60 21.49
C GLU A 353 26.45 19.00 21.28
N GLN A 354 26.76 19.58 20.13
CA GLN A 354 26.27 20.92 19.78
C GLN A 354 24.76 20.89 19.65
N VAL A 355 24.24 19.82 19.06
CA VAL A 355 22.80 19.67 18.90
C VAL A 355 22.13 19.57 20.27
N LYS A 356 22.76 18.86 21.20
CA LYS A 356 22.19 18.71 22.54
C LYS A 356 22.26 20.03 23.31
N ARG A 357 23.34 20.78 23.11
CA ARG A 357 23.53 22.05 23.78
C ARG A 357 22.56 23.10 23.25
N ILE A 358 22.28 23.05 21.96
CA ILE A 358 21.35 24.01 21.36
C ILE A 358 19.94 23.83 21.95
N LYS A 359 19.55 22.59 22.21
CA LYS A 359 18.23 22.30 22.77
C LYS A 359 18.16 22.68 24.26
N GLU A 360 19.12 22.21 25.04
CA GLU A 360 19.15 22.50 26.47
C GLU A 360 19.25 23.99 26.80
N GLU A 361 20.05 24.72 26.02
CA GLU A 361 20.24 26.14 26.26
C GLU A 361 19.27 27.06 25.51
N PHE A 362 18.93 26.71 24.28
CA PHE A 362 18.06 27.54 23.48
C PHE A 362 16.65 27.03 23.20
N GLY A 363 16.32 25.84 23.70
CA GLY A 363 15.00 25.28 23.50
C GLY A 363 14.66 24.94 22.07
N ILE A 364 15.67 24.88 21.22
CA ILE A 364 15.48 24.57 19.81
C ILE A 364 15.72 23.08 19.58
N TYR A 365 14.75 22.42 18.97
CA TYR A 365 14.87 21.00 18.67
C TYR A 365 15.15 20.75 17.19
N MET A 366 15.92 19.70 16.90
CA MET A 366 16.26 19.31 15.54
C MET A 366 16.68 17.85 15.54
N VAL A 367 16.77 17.24 14.34
CA VAL A 367 17.18 15.85 14.25
C VAL A 367 18.63 15.75 14.75
N GLY A 368 18.95 14.62 15.36
CA GLY A 368 20.28 14.43 15.91
C GLY A 368 21.47 14.62 14.98
N ASP A 369 21.22 14.60 13.67
CA ASP A 369 22.30 14.79 12.69
C ASP A 369 22.36 16.25 12.24
N SER A 370 21.75 17.12 13.03
CA SER A 370 21.68 18.57 12.79
C SER A 370 20.91 18.99 11.55
N ARG A 371 19.95 18.17 11.15
CA ARG A 371 19.09 18.45 10.00
C ARG A 371 17.93 19.31 10.49
N ILE A 372 17.68 20.41 9.81
CA ILE A 372 16.58 21.29 10.18
C ILE A 372 15.61 21.43 9.04
N ASN A 373 14.37 21.77 9.38
CA ASN A 373 13.34 21.97 8.37
C ASN A 373 13.20 23.49 8.22
N ILE A 374 13.59 23.99 7.06
CA ILE A 374 13.54 25.42 6.73
C ILE A 374 12.13 26.00 6.93
N ALA A 375 11.12 25.21 6.57
CA ALA A 375 9.73 25.62 6.68
C ALA A 375 9.27 25.87 8.12
N GLY A 376 10.03 25.37 9.09
CA GLY A 376 9.64 25.57 10.48
C GLY A 376 10.16 26.89 11.03
N LEU A 377 10.85 27.64 10.18
CA LEU A 377 11.42 28.93 10.55
C LEU A 377 10.47 30.06 10.16
N ASN A 378 10.75 31.25 10.66
CA ASN A 378 9.98 32.47 10.38
C ASN A 378 10.68 33.68 10.96
N ASP A 379 10.12 34.86 10.69
CA ASP A 379 10.68 36.13 11.16
C ASP A 379 11.04 36.20 12.64
N ASN A 380 10.26 35.51 13.47
CA ASN A 380 10.51 35.50 14.90
C ASN A 380 11.54 34.48 15.33
N THR A 381 11.52 33.31 14.69
CA THR A 381 12.43 32.22 15.05
C THR A 381 13.83 32.25 14.43
N ILE A 382 13.96 32.88 13.27
CA ILE A 382 15.25 32.99 12.60
C ILE A 382 16.36 33.62 13.45
N PRO A 383 16.09 34.78 14.09
CA PRO A 383 17.11 35.43 14.91
C PRO A 383 17.59 34.54 16.04
N ILE A 384 16.66 33.81 16.65
CA ILE A 384 16.98 32.93 17.76
C ILE A 384 17.90 31.78 17.33
N LEU A 385 17.53 31.12 16.22
CA LEU A 385 18.30 30.02 15.67
C LEU A 385 19.72 30.49 15.33
N ALA A 386 19.82 31.62 14.64
CA ALA A 386 21.11 32.18 14.27
C ALA A 386 21.98 32.38 15.51
N ARG A 387 21.42 33.00 16.54
CA ARG A 387 22.16 33.25 17.77
C ARG A 387 22.64 31.94 18.38
N ALA A 388 21.72 30.98 18.50
CA ALA A 388 22.04 29.67 19.07
C ALA A 388 23.23 29.02 18.36
N ILE A 389 23.20 29.02 17.04
CA ILE A 389 24.26 28.43 16.24
C ILE A 389 25.59 29.09 16.54
N ILE A 390 25.61 30.42 16.62
CA ILE A 390 26.84 31.14 16.91
C ILE A 390 27.33 30.89 18.35
N GLU A 391 26.39 30.86 19.29
CA GLU A 391 26.73 30.68 20.69
C GLU A 391 27.30 29.32 21.06
N VAL A 392 26.83 28.25 20.41
CA VAL A 392 27.31 26.90 20.70
C VAL A 392 28.60 26.54 19.93
N GLY A 393 29.13 27.52 19.20
CA GLY A 393 30.36 27.31 18.48
C GLY A 393 30.33 26.43 17.26
N VAL A 394 29.26 26.56 16.48
CA VAL A 394 29.10 25.81 15.25
C VAL A 394 29.88 26.60 14.19
N MET B 1 20.14 -5.40 -17.53
CA MET B 1 19.68 -6.12 -16.32
C MET B 1 18.22 -6.55 -16.47
N LEU B 2 17.34 -5.58 -16.70
CA LEU B 2 15.90 -5.85 -16.83
C LEU B 2 15.52 -6.87 -17.90
N GLY B 3 16.37 -7.04 -18.90
CA GLY B 3 16.08 -8.01 -19.95
C GLY B 3 16.13 -9.44 -19.44
N ASN B 4 16.62 -9.61 -18.22
CA ASN B 4 16.72 -10.93 -17.60
C ASN B 4 15.44 -11.33 -16.88
N LEU B 5 14.46 -10.44 -16.87
CA LEU B 5 13.19 -10.72 -16.21
C LEU B 5 12.44 -11.84 -16.94
N LYS B 6 12.01 -12.85 -16.21
CA LYS B 6 11.28 -13.97 -16.79
C LYS B 6 9.81 -13.59 -16.87
N PRO B 7 9.14 -13.96 -17.98
CA PRO B 7 7.72 -13.62 -18.09
C PRO B 7 6.91 -14.27 -16.96
N GLN B 8 6.03 -13.50 -16.35
CA GLN B 8 5.19 -13.97 -15.26
C GLN B 8 3.79 -14.43 -15.69
N ALA B 9 3.18 -15.30 -14.89
CA ALA B 9 1.84 -15.81 -15.17
C ALA B 9 0.75 -14.87 -14.67
N PRO B 10 -0.13 -14.41 -15.58
CA PRO B 10 -1.26 -13.51 -15.30
C PRO B 10 -2.33 -14.15 -14.39
N ASP B 11 -3.17 -13.32 -13.78
CA ASP B 11 -4.22 -13.82 -12.90
C ASP B 11 -5.46 -14.20 -13.72
N LYS B 12 -5.86 -15.46 -13.60
CA LYS B 12 -7.01 -16.04 -14.28
C LYS B 12 -8.32 -15.24 -14.14
N ILE B 13 -8.71 -14.94 -12.90
CA ILE B 13 -9.94 -14.19 -12.67
C ILE B 13 -9.89 -12.84 -13.37
N LEU B 14 -8.80 -12.11 -13.17
CA LEU B 14 -8.64 -10.80 -13.80
C LEU B 14 -8.40 -10.90 -15.29
N ALA B 15 -7.93 -12.06 -15.75
CA ALA B 15 -7.70 -12.27 -17.18
C ALA B 15 -9.06 -12.24 -17.87
N LEU B 16 -10.06 -12.86 -17.23
CA LEU B 16 -11.41 -12.87 -17.75
C LEU B 16 -11.92 -11.44 -17.75
N MET B 17 -11.71 -10.75 -16.63
CA MET B 17 -12.11 -9.35 -16.47
C MET B 17 -11.69 -8.56 -17.70
N GLY B 18 -10.48 -8.85 -18.19
CA GLY B 18 -9.96 -8.18 -19.36
C GLY B 18 -10.60 -8.66 -20.65
N GLU B 19 -10.96 -9.94 -20.71
CA GLU B 19 -11.59 -10.51 -21.89
C GLU B 19 -12.99 -9.94 -22.15
N PHE B 20 -13.83 -9.92 -21.11
CA PHE B 20 -15.20 -9.42 -21.21
C PHE B 20 -15.25 -8.07 -21.94
N GLY B 27 -24.62 -9.71 -26.10
CA GLY B 27 -25.19 -10.60 -25.10
C GLY B 27 -24.14 -11.18 -24.18
N LYS B 28 -23.18 -10.35 -23.79
CA LYS B 28 -22.11 -10.77 -22.90
C LYS B 28 -22.61 -10.82 -21.45
N ILE B 29 -22.35 -11.93 -20.78
CA ILE B 29 -22.77 -12.11 -19.39
C ILE B 29 -21.54 -12.33 -18.52
N ASP B 30 -21.20 -11.31 -17.73
CA ASP B 30 -20.05 -11.36 -16.83
C ASP B 30 -20.40 -11.98 -15.49
N LEU B 31 -19.83 -13.16 -15.24
CA LEU B 31 -20.05 -13.89 -14.00
C LEU B 31 -18.70 -14.23 -13.40
N GLY B 32 -17.68 -13.43 -13.71
CA GLY B 32 -16.35 -13.71 -13.21
C GLY B 32 -15.94 -13.05 -11.90
N VAL B 33 -15.18 -11.96 -12.00
CA VAL B 33 -14.67 -11.21 -10.85
C VAL B 33 -15.68 -11.01 -9.71
N GLY B 34 -15.24 -11.35 -8.51
CA GLY B 34 -16.08 -11.25 -7.33
C GLY B 34 -16.38 -9.86 -6.85
N VAL B 35 -17.23 -9.17 -7.60
CA VAL B 35 -17.64 -7.81 -7.26
C VAL B 35 -19.16 -7.84 -7.27
N TYR B 36 -19.78 -7.15 -6.34
CA TYR B 36 -21.24 -7.12 -6.28
C TYR B 36 -21.72 -6.21 -7.41
N LYS B 37 -22.84 -6.56 -8.00
CA LYS B 37 -23.41 -5.78 -9.08
C LYS B 37 -24.92 -5.71 -8.84
N ASP B 38 -25.55 -4.63 -9.28
CA ASP B 38 -27.00 -4.48 -9.11
C ASP B 38 -27.69 -4.95 -10.41
N ALA B 39 -29.01 -5.02 -10.36
CA ALA B 39 -29.81 -5.46 -11.49
C ALA B 39 -29.35 -4.91 -12.84
N THR B 40 -28.85 -3.68 -12.85
CA THR B 40 -28.37 -3.04 -14.08
C THR B 40 -26.88 -3.23 -14.35
N GLY B 41 -26.29 -4.27 -13.76
CA GLY B 41 -24.89 -4.54 -13.96
C GLY B 41 -23.93 -3.46 -13.50
N HIS B 42 -24.29 -2.75 -12.45
CA HIS B 42 -23.45 -1.69 -11.93
C HIS B 42 -23.04 -1.99 -10.50
N THR B 43 -21.84 -1.54 -10.14
CA THR B 43 -21.32 -1.69 -8.78
C THR B 43 -21.45 -0.28 -8.21
N PRO B 44 -22.56 -0.01 -7.49
CA PRO B 44 -22.82 1.30 -6.90
C PRO B 44 -21.99 1.63 -5.67
N ILE B 45 -21.88 2.92 -5.39
CA ILE B 45 -21.19 3.37 -4.19
C ILE B 45 -22.30 3.34 -3.14
N MET B 46 -22.07 2.69 -2.02
CA MET B 46 -23.08 2.62 -0.98
C MET B 46 -23.40 4.00 -0.40
N ARG B 47 -24.69 4.24 -0.13
CA ARG B 47 -25.16 5.51 0.41
C ARG B 47 -24.32 6.11 1.55
N ALA B 48 -24.14 5.35 2.63
CA ALA B 48 -23.36 5.82 3.77
C ALA B 48 -21.91 6.15 3.41
N VAL B 49 -21.35 5.39 2.48
CA VAL B 49 -19.97 5.61 2.06
C VAL B 49 -19.90 6.97 1.36
N HIS B 50 -20.94 7.27 0.60
CA HIS B 50 -21.01 8.54 -0.11
C HIS B 50 -21.15 9.73 0.83
N ALA B 51 -22.00 9.59 1.85
CA ALA B 51 -22.23 10.65 2.83
C ALA B 51 -20.96 10.88 3.63
N ALA B 52 -20.23 9.79 3.88
CA ALA B 52 -18.98 9.85 4.63
C ALA B 52 -17.92 10.63 3.85
N GLU B 53 -17.89 10.46 2.54
CA GLU B 53 -16.93 11.19 1.71
C GLU B 53 -17.23 12.69 1.70
N GLN B 54 -18.52 13.03 1.69
CA GLN B 54 -18.94 14.43 1.69
C GLN B 54 -18.52 15.06 3.02
N ARG B 55 -18.90 14.39 4.11
CA ARG B 55 -18.55 14.87 5.44
C ARG B 55 -17.05 15.04 5.55
N MET B 56 -16.29 14.10 5.02
CA MET B 56 -14.83 14.17 5.05
C MET B 56 -14.30 15.37 4.30
N LEU B 57 -14.90 15.70 3.17
CA LEU B 57 -14.48 16.84 2.37
C LEU B 57 -14.56 18.12 3.19
N GLU B 58 -15.54 18.19 4.08
CA GLU B 58 -15.72 19.37 4.92
C GLU B 58 -14.86 19.40 6.18
N THR B 59 -14.69 18.25 6.82
CA THR B 59 -13.93 18.22 8.05
C THR B 59 -12.41 18.17 8.02
N GLU B 60 -11.84 17.39 7.09
CA GLU B 60 -10.39 17.26 7.00
C GLU B 60 -9.67 18.56 6.64
N THR B 61 -8.78 18.99 7.53
CA THR B 61 -8.01 20.22 7.35
C THR B 61 -6.56 20.00 6.91
N THR B 62 -6.10 18.75 6.99
CA THR B 62 -4.73 18.41 6.61
C THR B 62 -4.62 17.01 6.01
N LYS B 63 -3.47 16.75 5.39
CA LYS B 63 -3.19 15.46 4.81
C LYS B 63 -1.80 14.97 5.22
N THR B 64 -1.23 15.58 6.26
CA THR B 64 0.09 15.19 6.75
C THR B 64 0.10 13.72 7.08
N TYR B 65 1.29 13.17 7.27
CA TYR B 65 1.43 11.77 7.62
C TYR B 65 0.65 11.50 8.88
N ALA B 66 0.11 10.29 8.99
CA ALA B 66 -0.69 9.89 10.14
C ALA B 66 -0.05 8.70 10.85
N GLY B 67 -0.89 7.76 11.31
CA GLY B 67 -0.37 6.60 12.01
C GLY B 67 0.15 5.51 11.11
N LEU B 68 1.33 5.01 11.45
CA LEU B 68 2.00 3.95 10.70
C LEU B 68 1.21 2.64 10.73
N SER B 69 0.50 2.40 11.83
CA SER B 69 -0.31 1.20 11.99
C SER B 69 -1.78 1.48 11.67
N GLY B 70 -2.08 2.67 11.18
CA GLY B 70 -3.46 3.02 10.88
C GLY B 70 -3.97 3.90 12.00
N GLU B 71 -5.14 4.49 11.79
CA GLU B 71 -5.74 5.38 12.78
C GLU B 71 -6.44 4.63 13.92
N PRO B 72 -6.29 5.15 15.15
CA PRO B 72 -6.90 4.56 16.36
C PRO B 72 -8.38 4.25 16.17
N GLU B 73 -9.09 5.15 15.50
CA GLU B 73 -10.52 4.98 15.27
C GLU B 73 -10.77 3.78 14.37
N PHE B 74 -10.04 3.68 13.26
CA PHE B 74 -10.21 2.58 12.31
C PHE B 74 -9.98 1.24 13.00
N GLN B 75 -8.90 1.17 13.76
CA GLN B 75 -8.52 -0.03 14.48
C GLN B 75 -9.59 -0.50 15.47
N LYS B 76 -10.05 0.40 16.34
CA LYS B 76 -11.07 0.06 17.33
C LYS B 76 -12.39 -0.32 16.68
N ALA B 77 -12.74 0.37 15.60
CA ALA B 77 -13.98 0.09 14.89
C ALA B 77 -13.94 -1.29 14.24
N MET B 78 -12.84 -1.58 13.55
CA MET B 78 -12.65 -2.86 12.88
C MET B 78 -12.66 -4.04 13.84
N GLY B 79 -11.95 -3.89 14.95
CA GLY B 79 -11.91 -4.94 15.94
C GLY B 79 -13.31 -5.23 16.45
N GLU B 80 -14.07 -4.18 16.73
CA GLU B 80 -15.43 -4.35 17.24
C GLU B 80 -16.36 -4.96 16.22
N LEU B 81 -16.20 -4.58 14.96
CA LEU B 81 -17.05 -5.13 13.90
C LEU B 81 -16.82 -6.63 13.77
N ILE B 82 -15.55 -7.05 13.80
CA ILE B 82 -15.19 -8.45 13.65
C ILE B 82 -15.44 -9.32 14.87
N LEU B 83 -14.84 -8.96 15.99
CA LEU B 83 -14.96 -9.76 17.20
C LEU B 83 -16.08 -9.39 18.16
N GLY B 84 -16.78 -8.30 17.86
CA GLY B 84 -17.87 -7.87 18.73
C GLY B 84 -17.38 -7.71 20.15
N ASP B 85 -18.20 -8.10 21.11
CA ASP B 85 -17.80 -7.98 22.51
C ASP B 85 -16.77 -8.99 22.99
N GLY B 86 -16.13 -9.66 22.03
CA GLY B 86 -15.08 -10.61 22.35
C GLY B 86 -13.74 -9.94 22.06
N LEU B 87 -13.77 -8.61 21.93
CA LEU B 87 -12.56 -7.84 21.65
C LEU B 87 -11.81 -7.49 22.93
N LYS B 88 -10.63 -8.06 23.08
CA LYS B 88 -9.78 -7.82 24.23
C LYS B 88 -8.59 -7.01 23.74
N SER B 89 -8.73 -5.69 23.79
CA SER B 89 -7.69 -4.77 23.35
C SER B 89 -6.29 -4.96 23.95
N GLU B 90 -6.23 -5.33 25.22
CA GLU B 90 -4.94 -5.50 25.88
C GLU B 90 -4.09 -6.64 25.32
N THR B 91 -4.72 -7.50 24.52
CA THR B 91 -4.03 -8.62 23.92
C THR B 91 -4.14 -8.61 22.40
N THR B 92 -4.87 -7.66 21.83
CA THR B 92 -5.05 -7.55 20.39
C THR B 92 -4.21 -6.43 19.77
N ALA B 93 -3.50 -6.76 18.69
CA ALA B 93 -2.69 -5.77 17.96
C ALA B 93 -3.41 -5.60 16.63
N THR B 94 -3.52 -4.36 16.16
CA THR B 94 -4.21 -4.09 14.90
C THR B 94 -3.29 -3.36 13.93
N LEU B 95 -3.39 -3.70 12.66
CA LEU B 95 -2.54 -3.06 11.67
C LEU B 95 -3.38 -2.75 10.44
N ALA B 96 -3.42 -1.48 10.06
CA ALA B 96 -4.16 -1.08 8.87
C ALA B 96 -3.28 -1.46 7.68
N THR B 97 -3.88 -2.10 6.69
CA THR B 97 -3.15 -2.55 5.51
C THR B 97 -3.78 -2.10 4.20
N VAL B 98 -3.10 -2.40 3.10
CA VAL B 98 -3.58 -2.06 1.77
C VAL B 98 -4.52 -3.19 1.33
N GLY B 99 -5.76 -3.14 1.81
CA GLY B 99 -6.74 -4.16 1.45
C GLY B 99 -6.58 -5.45 2.23
N GLY B 100 -7.48 -6.39 1.99
CA GLY B 100 -7.42 -7.67 2.67
C GLY B 100 -6.23 -8.46 2.18
N THR B 101 -5.90 -8.27 0.89
CA THR B 101 -4.75 -8.95 0.30
C THR B 101 -3.47 -8.49 1.01
N GLY B 102 -3.35 -7.20 1.26
CA GLY B 102 -2.18 -6.70 1.97
C GLY B 102 -2.12 -7.27 3.37
N ALA B 103 -3.29 -7.46 3.98
CA ALA B 103 -3.37 -8.03 5.34
C ALA B 103 -2.90 -9.49 5.33
N LEU B 104 -3.16 -10.19 4.23
CA LEU B 104 -2.75 -11.59 4.10
C LEU B 104 -1.23 -11.64 4.04
N ARG B 105 -0.67 -10.92 3.07
CA ARG B 105 0.77 -10.86 2.89
C ARG B 105 1.45 -10.48 4.19
N GLN B 106 0.91 -9.47 4.85
CA GLN B 106 1.46 -9.01 6.12
C GLN B 106 1.36 -10.12 7.17
N ALA B 107 0.28 -10.89 7.11
CA ALA B 107 0.07 -12.01 8.06
C ALA B 107 1.14 -13.08 7.86
N LEU B 108 1.44 -13.40 6.61
CA LEU B 108 2.44 -14.41 6.28
C LEU B 108 3.85 -13.97 6.63
N GLU B 109 4.12 -12.67 6.52
CA GLU B 109 5.42 -12.11 6.88
C GLU B 109 5.60 -12.09 8.39
N LEU B 110 4.52 -11.77 9.11
CA LEU B 110 4.57 -11.73 10.57
C LEU B 110 4.83 -13.12 11.14
N ALA B 111 4.04 -14.09 10.68
CA ALA B 111 4.16 -15.47 11.14
C ALA B 111 5.52 -16.06 10.76
N ARG B 112 6.01 -15.77 9.56
CA ARG B 112 7.30 -16.29 9.11
C ARG B 112 8.44 -15.72 9.95
N MET B 113 8.30 -14.48 10.39
CA MET B 113 9.31 -13.88 11.24
C MET B 113 9.37 -14.69 12.53
N ALA B 114 8.20 -15.00 13.08
CA ALA B 114 8.10 -15.75 14.34
C ALA B 114 8.46 -17.22 14.23
N ASN B 115 8.35 -17.77 13.01
CA ASN B 115 8.66 -19.18 12.76
C ASN B 115 9.13 -19.34 11.32
N PRO B 116 10.45 -19.30 11.10
CA PRO B 116 11.03 -19.45 9.76
C PRO B 116 10.70 -20.80 9.12
N ASP B 117 10.29 -21.77 9.93
CA ASP B 117 9.98 -23.11 9.42
C ASP B 117 8.49 -23.42 9.37
N LEU B 118 7.65 -22.41 9.19
CA LEU B 118 6.22 -22.66 9.13
C LEU B 118 5.75 -23.16 7.78
N ARG B 119 4.69 -23.96 7.80
CA ARG B 119 4.07 -24.50 6.61
C ARG B 119 2.65 -23.95 6.68
N VAL B 120 2.00 -23.80 5.53
CA VAL B 120 0.65 -23.28 5.52
C VAL B 120 -0.30 -24.30 4.91
N PHE B 121 -1.39 -24.57 5.61
CA PHE B 121 -2.41 -25.49 5.12
C PHE B 121 -3.53 -24.66 4.50
N VAL B 122 -3.86 -24.92 3.25
CA VAL B 122 -4.94 -24.18 2.58
C VAL B 122 -6.01 -25.19 2.18
N SER B 123 -7.23 -24.71 2.01
CA SER B 123 -8.33 -25.57 1.63
C SER B 123 -8.25 -25.99 0.17
N ASP B 124 -8.87 -27.12 -0.13
CA ASP B 124 -8.92 -27.64 -1.49
C ASP B 124 -10.38 -27.53 -1.96
N PRO B 125 -10.70 -26.51 -2.79
CA PRO B 125 -9.81 -25.46 -3.30
C PRO B 125 -9.79 -24.21 -2.42
N THR B 126 -9.10 -23.17 -2.90
CA THR B 126 -9.01 -21.91 -2.17
C THR B 126 -8.77 -20.77 -3.14
N TRP B 127 -8.84 -19.53 -2.64
CA TRP B 127 -8.63 -18.34 -3.47
C TRP B 127 -7.22 -18.47 -4.05
N PRO B 128 -7.12 -18.48 -5.38
CA PRO B 128 -5.86 -18.60 -6.11
C PRO B 128 -4.75 -17.72 -5.56
N ASN B 129 -5.09 -16.49 -5.20
CA ASN B 129 -4.11 -15.55 -4.70
C ASN B 129 -3.41 -15.96 -3.42
N HIS B 130 -4.05 -16.86 -2.67
CA HIS B 130 -3.44 -17.36 -1.44
C HIS B 130 -2.13 -18.09 -1.76
N VAL B 131 -2.25 -19.09 -2.63
CA VAL B 131 -1.12 -19.92 -3.04
C VAL B 131 -0.07 -19.10 -3.78
N SER B 132 -0.54 -18.21 -4.65
CA SER B 132 0.33 -17.35 -5.44
C SER B 132 1.34 -16.64 -4.53
N ILE B 133 0.84 -15.94 -3.52
CA ILE B 133 1.70 -15.22 -2.59
C ILE B 133 2.62 -16.16 -1.80
N MET B 134 2.06 -17.28 -1.34
CA MET B 134 2.86 -18.24 -0.60
C MET B 134 4.01 -18.76 -1.47
N ASN B 135 3.71 -19.08 -2.72
CA ASN B 135 4.71 -19.55 -3.67
C ASN B 135 5.79 -18.50 -3.82
N PHE B 136 5.36 -17.27 -4.07
CA PHE B 136 6.24 -16.12 -4.20
C PHE B 136 7.17 -15.99 -2.99
N MET B 137 6.60 -16.11 -1.78
CA MET B 137 7.39 -16.01 -0.56
C MET B 137 8.24 -17.26 -0.33
N GLY B 138 7.97 -18.31 -1.10
CA GLY B 138 8.70 -19.54 -0.97
C GLY B 138 8.33 -20.33 0.26
N LEU B 139 7.05 -20.29 0.62
CA LEU B 139 6.53 -21.00 1.80
C LEU B 139 5.91 -22.36 1.43
N PRO B 140 6.15 -23.39 2.27
CA PRO B 140 5.64 -24.75 2.09
C PRO B 140 4.11 -24.79 2.21
N VAL B 141 3.43 -25.23 1.15
CA VAL B 141 1.97 -25.28 1.14
C VAL B 141 1.37 -26.69 1.10
N GLN B 142 0.60 -27.01 2.12
CA GLN B 142 -0.10 -28.29 2.19
C GLN B 142 -1.54 -27.89 1.95
N THR B 143 -2.39 -28.83 1.58
CA THR B 143 -3.79 -28.54 1.36
C THR B 143 -4.58 -29.49 2.24
N TYR B 144 -5.79 -29.10 2.59
CA TYR B 144 -6.64 -29.96 3.37
C TYR B 144 -7.90 -30.11 2.57
N ARG B 145 -8.49 -31.30 2.64
CA ARG B 145 -9.71 -31.56 1.92
C ARG B 145 -10.77 -30.67 2.53
N TYR B 146 -11.61 -30.12 1.65
CA TYR B 146 -12.67 -29.21 2.08
C TYR B 146 -13.91 -29.39 1.22
N PHE B 147 -13.76 -29.26 -0.08
CA PHE B 147 -14.88 -29.37 -0.99
C PHE B 147 -15.17 -30.83 -1.38
N ASP B 148 -16.44 -31.19 -1.37
CA ASP B 148 -16.87 -32.54 -1.74
C ASP B 148 -17.44 -32.35 -3.13
N ALA B 149 -16.70 -32.81 -4.14
CA ALA B 149 -17.14 -32.69 -5.52
C ALA B 149 -18.49 -33.35 -5.79
N GLU B 150 -18.79 -34.40 -5.04
CA GLU B 150 -20.04 -35.14 -5.18
C GLU B 150 -21.22 -34.33 -4.66
N THR B 151 -21.27 -34.13 -3.34
CA THR B 151 -22.36 -33.40 -2.71
C THR B 151 -22.32 -31.89 -2.92
N ARG B 152 -21.20 -31.38 -3.41
CA ARG B 152 -21.03 -29.95 -3.62
C ARG B 152 -20.99 -29.24 -2.27
N GLY B 153 -20.93 -30.03 -1.19
CA GLY B 153 -20.86 -29.48 0.14
C GLY B 153 -19.44 -29.55 0.66
N VAL B 154 -19.28 -29.78 1.95
CA VAL B 154 -17.97 -29.85 2.57
C VAL B 154 -17.61 -31.28 3.02
N ASP B 155 -16.42 -31.72 2.67
CA ASP B 155 -15.92 -33.03 3.07
C ASP B 155 -15.31 -32.82 4.45
N PHE B 156 -16.16 -32.63 5.45
CA PHE B 156 -15.71 -32.38 6.82
C PHE B 156 -14.83 -33.48 7.41
N GLU B 157 -15.13 -34.74 7.09
CA GLU B 157 -14.34 -35.86 7.58
C GLU B 157 -12.92 -35.77 7.02
N GLY B 158 -12.82 -35.45 5.73
CA GLY B 158 -11.52 -35.31 5.12
C GLY B 158 -10.76 -34.11 5.67
N MET B 159 -11.49 -33.04 5.98
CA MET B 159 -10.90 -31.83 6.51
C MET B 159 -10.27 -32.06 7.88
N LYS B 160 -11.02 -32.71 8.77
CA LYS B 160 -10.55 -33.01 10.12
C LYS B 160 -9.35 -33.94 10.07
N ALA B 161 -9.38 -34.86 9.11
CA ALA B 161 -8.32 -35.84 8.93
C ALA B 161 -6.99 -35.16 8.64
N ASP B 162 -6.98 -34.32 7.61
CA ASP B 162 -5.78 -33.64 7.19
C ASP B 162 -5.27 -32.59 8.18
N LEU B 163 -6.19 -31.98 8.93
CA LEU B 163 -5.80 -30.96 9.90
C LEU B 163 -5.08 -31.55 11.12
N ALA B 164 -5.48 -32.74 11.54
CA ALA B 164 -4.88 -33.39 12.70
C ALA B 164 -3.40 -33.68 12.48
N ALA B 165 -3.01 -33.78 11.21
CA ALA B 165 -1.62 -34.04 10.86
C ALA B 165 -0.78 -32.77 10.95
N ALA B 166 -1.42 -31.62 11.11
CA ALA B 166 -0.72 -30.35 11.22
C ALA B 166 -0.01 -30.32 12.57
N LYS B 167 1.12 -29.63 12.65
CA LYS B 167 1.86 -29.55 13.91
C LYS B 167 1.89 -28.14 14.44
N LYS B 168 2.33 -27.97 15.68
CA LYS B 168 2.40 -26.64 16.27
C LYS B 168 3.45 -25.89 15.46
N GLY B 169 3.13 -24.66 15.10
CA GLY B 169 4.06 -23.88 14.30
C GLY B 169 3.54 -23.77 12.89
N ASP B 170 2.62 -24.66 12.54
CA ASP B 170 2.02 -24.62 11.21
C ASP B 170 0.85 -23.65 11.26
N MET B 171 0.52 -23.08 10.12
CA MET B 171 -0.58 -22.13 10.03
C MET B 171 -1.69 -22.74 9.17
N VAL B 172 -2.91 -22.62 9.66
CA VAL B 172 -4.07 -23.13 8.93
C VAL B 172 -4.87 -21.93 8.46
N LEU B 173 -4.98 -21.78 7.15
CA LEU B 173 -5.73 -20.68 6.56
C LEU B 173 -7.18 -21.10 6.41
N LEU B 174 -8.08 -20.38 7.07
CA LEU B 174 -9.51 -20.65 7.01
C LEU B 174 -10.23 -19.45 6.45
N HIS B 175 -11.36 -19.69 5.79
CA HIS B 175 -12.20 -18.63 5.28
C HIS B 175 -13.23 -18.46 6.37
N GLY B 176 -13.39 -17.23 6.86
CA GLY B 176 -14.34 -16.97 7.93
C GLY B 176 -15.78 -17.24 7.54
N CYS B 177 -16.11 -17.00 6.27
CA CYS B 177 -17.46 -17.22 5.78
C CYS B 177 -17.41 -17.07 4.26
N CYS B 178 -18.52 -17.38 3.61
CA CYS B 178 -18.65 -17.27 2.15
C CYS B 178 -17.39 -17.72 1.42
N HIS B 179 -17.03 -19.00 1.63
CA HIS B 179 -15.85 -19.60 1.05
C HIS B 179 -15.73 -19.32 -0.44
N ASN B 180 -14.59 -18.75 -0.82
CA ASN B 180 -14.28 -18.43 -2.21
C ASN B 180 -13.28 -19.49 -2.65
N PRO B 181 -13.52 -20.14 -3.81
CA PRO B 181 -14.58 -20.07 -4.81
C PRO B 181 -15.81 -21.01 -4.72
N THR B 182 -15.81 -21.92 -3.75
CA THR B 182 -16.90 -22.88 -3.66
C THR B 182 -18.27 -22.44 -3.18
N GLY B 183 -18.31 -21.58 -2.18
CA GLY B 183 -19.60 -21.16 -1.66
C GLY B 183 -20.06 -22.17 -0.61
N ALA B 184 -19.23 -23.18 -0.34
CA ALA B 184 -19.53 -24.22 0.65
C ALA B 184 -18.97 -23.73 1.97
N ASN B 185 -19.79 -23.73 3.02
CA ASN B 185 -19.35 -23.22 4.32
C ASN B 185 -19.53 -24.19 5.47
N LEU B 186 -18.83 -23.92 6.57
CA LEU B 186 -18.90 -24.74 7.77
C LEU B 186 -20.00 -24.23 8.71
N THR B 187 -20.66 -25.14 9.42
CA THR B 187 -21.69 -24.75 10.36
C THR B 187 -21.00 -24.43 11.68
N LEU B 188 -21.70 -23.78 12.61
CA LEU B 188 -21.07 -23.44 13.87
C LEU B 188 -20.63 -24.69 14.60
N ASP B 189 -21.36 -25.78 14.42
CA ASP B 189 -21.02 -27.05 15.05
C ASP B 189 -19.67 -27.50 14.50
N GLN B 190 -19.52 -27.35 13.19
CA GLN B 190 -18.27 -27.73 12.52
C GLN B 190 -17.11 -26.84 12.98
N TRP B 191 -17.37 -25.57 13.28
CA TRP B 191 -16.31 -24.66 13.74
C TRP B 191 -15.77 -25.05 15.12
N ALA B 192 -16.65 -25.46 16.03
CA ALA B 192 -16.23 -25.86 17.37
C ALA B 192 -15.31 -27.07 17.26
N GLU B 193 -15.70 -27.99 16.38
CA GLU B 193 -14.94 -29.22 16.11
C GLU B 193 -13.53 -28.82 15.67
N ILE B 194 -13.47 -27.92 14.70
CA ILE B 194 -12.20 -27.42 14.17
C ILE B 194 -11.33 -26.76 15.25
N ALA B 195 -11.95 -26.07 16.21
CA ALA B 195 -11.20 -25.43 17.29
C ALA B 195 -10.51 -26.50 18.12
N SER B 196 -11.20 -27.61 18.33
CA SER B 196 -10.65 -28.74 19.10
C SER B 196 -9.36 -29.22 18.45
N ILE B 197 -9.41 -29.41 17.13
CA ILE B 197 -8.23 -29.85 16.37
C ILE B 197 -7.09 -28.83 16.50
N LEU B 198 -7.41 -27.56 16.24
CA LEU B 198 -6.42 -26.48 16.33
C LEU B 198 -5.74 -26.42 17.69
N GLU B 199 -6.50 -26.58 18.77
CA GLU B 199 -5.90 -26.53 20.09
C GLU B 199 -5.08 -27.79 20.40
N LYS B 200 -5.48 -28.93 19.83
CA LYS B 200 -4.74 -30.17 20.04
C LYS B 200 -3.40 -30.17 19.32
N THR B 201 -3.37 -29.69 18.08
CA THR B 201 -2.14 -29.65 17.29
C THR B 201 -1.28 -28.42 17.51
N GLY B 202 -1.90 -27.35 18.02
CA GLY B 202 -1.19 -26.10 18.27
C GLY B 202 -0.92 -25.27 17.02
N ALA B 203 -1.73 -25.49 15.99
CA ALA B 203 -1.59 -24.75 14.73
C ALA B 203 -2.24 -23.37 14.84
N LEU B 204 -1.55 -22.36 14.32
CA LEU B 204 -2.03 -20.98 14.33
C LEU B 204 -3.02 -20.76 13.20
N PRO B 205 -4.27 -20.41 13.53
CA PRO B 205 -5.23 -20.19 12.44
C PRO B 205 -5.13 -18.76 11.89
N LEU B 206 -5.18 -18.63 10.58
CA LEU B 206 -5.16 -17.36 9.90
C LEU B 206 -6.52 -17.35 9.23
N ILE B 207 -7.35 -16.38 9.60
CA ILE B 207 -8.70 -16.29 9.05
C ILE B 207 -8.80 -15.20 8.01
N ASP B 208 -9.27 -15.57 6.82
CA ASP B 208 -9.45 -14.61 5.75
C ASP B 208 -10.93 -14.25 5.85
N LEU B 209 -11.20 -13.03 6.28
CA LEU B 209 -12.56 -12.53 6.44
C LEU B 209 -12.75 -11.42 5.41
N ALA B 210 -13.27 -11.80 4.24
CA ALA B 210 -13.47 -10.86 3.15
C ALA B 210 -14.93 -10.60 2.75
N TYR B 211 -15.86 -11.34 3.34
CA TYR B 211 -17.27 -11.19 3.00
C TYR B 211 -18.21 -11.16 4.19
N GLN B 212 -17.76 -10.59 5.30
CA GLN B 212 -18.64 -10.50 6.46
C GLN B 212 -19.83 -9.62 6.05
N GLY B 213 -21.01 -10.23 5.99
CA GLY B 213 -22.20 -9.50 5.59
C GLY B 213 -22.91 -10.08 4.38
N PHE B 214 -22.22 -10.87 3.58
CA PHE B 214 -22.84 -11.46 2.39
C PHE B 214 -23.37 -12.87 2.59
N GLY B 215 -23.10 -13.44 3.75
CA GLY B 215 -23.57 -14.78 4.04
C GLY B 215 -24.96 -14.79 4.64
N ASP B 216 -25.01 -14.85 5.96
CA ASP B 216 -26.25 -14.89 6.72
C ASP B 216 -26.50 -13.60 7.50
N GLY B 217 -25.50 -12.73 7.58
CA GLY B 217 -25.66 -11.49 8.30
C GLY B 217 -24.34 -11.03 8.88
N LEU B 218 -24.25 -9.74 9.21
CA LEU B 218 -23.05 -9.16 9.79
C LEU B 218 -22.52 -9.94 10.98
N GLU B 219 -23.36 -10.12 11.98
CA GLU B 219 -22.99 -10.83 13.20
C GLU B 219 -22.84 -12.33 12.97
N GLU B 220 -23.77 -12.93 12.22
CA GLU B 220 -23.72 -14.36 11.96
C GLU B 220 -22.48 -14.80 11.21
N ASP B 221 -22.06 -14.00 10.23
CA ASP B 221 -20.87 -14.31 9.43
C ASP B 221 -19.59 -14.27 10.24
N ALA B 222 -19.65 -13.60 11.39
CA ALA B 222 -18.49 -13.49 12.27
C ALA B 222 -18.50 -14.54 13.39
N ALA B 223 -19.61 -15.27 13.49
CA ALA B 223 -19.77 -16.29 14.53
C ALA B 223 -18.61 -17.31 14.59
N GLY B 224 -18.24 -17.87 13.42
CA GLY B 224 -17.15 -18.82 13.39
C GLY B 224 -15.86 -18.22 13.90
N THR B 225 -15.56 -17.03 13.40
CA THR B 225 -14.35 -16.29 13.79
C THR B 225 -14.33 -16.03 15.29
N ARG B 226 -15.46 -15.61 15.85
CA ARG B 226 -15.56 -15.33 17.27
C ARG B 226 -15.40 -16.61 18.12
N LEU B 227 -15.79 -17.76 17.57
CA LEU B 227 -15.65 -19.03 18.25
C LEU B 227 -14.16 -19.44 18.34
N ILE B 228 -13.43 -19.36 17.24
CA ILE B 228 -12.01 -19.69 17.24
C ILE B 228 -11.27 -18.76 18.18
N ALA B 229 -11.61 -17.47 18.14
CA ALA B 229 -10.96 -16.47 18.98
C ALA B 229 -11.17 -16.72 20.48
N SER B 230 -12.29 -17.30 20.85
CA SER B 230 -12.58 -17.57 22.25
C SER B 230 -11.90 -18.85 22.71
N ARG B 231 -11.60 -19.73 21.76
CA ARG B 231 -10.96 -21.00 22.05
C ARG B 231 -9.45 -21.02 21.94
N ILE B 232 -8.92 -20.49 20.85
CA ILE B 232 -7.50 -20.47 20.58
C ILE B 232 -6.88 -19.17 21.06
N PRO B 233 -5.89 -19.26 21.97
CA PRO B 233 -5.16 -18.15 22.57
C PRO B 233 -4.41 -17.22 21.61
N GLU B 234 -4.14 -17.69 20.40
CA GLU B 234 -3.40 -16.89 19.42
C GLU B 234 -3.98 -17.12 18.04
N VAL B 235 -4.42 -16.05 17.40
CA VAL B 235 -5.01 -16.13 16.07
C VAL B 235 -4.79 -14.86 15.26
N LEU B 236 -4.77 -15.03 13.95
CA LEU B 236 -4.57 -13.91 13.04
C LEU B 236 -5.80 -13.80 12.15
N ILE B 237 -6.26 -12.57 11.90
CA ILE B 237 -7.42 -12.34 11.04
C ILE B 237 -7.10 -11.26 10.02
N ALA B 238 -7.30 -11.57 8.75
CA ALA B 238 -7.06 -10.62 7.66
C ALA B 238 -8.44 -10.18 7.16
N ALA B 239 -8.83 -8.95 7.51
CA ALA B 239 -10.14 -8.43 7.12
C ALA B 239 -10.08 -7.50 5.93
N SER B 240 -11.09 -7.58 5.08
CA SER B 240 -11.21 -6.72 3.91
C SER B 240 -12.48 -5.91 3.97
N CYS B 241 -12.39 -4.64 3.61
CA CYS B 241 -13.55 -3.77 3.60
C CYS B 241 -13.95 -3.50 2.15
N SER B 242 -13.24 -4.13 1.22
CA SER B 242 -13.50 -3.94 -0.20
C SER B 242 -14.91 -4.24 -0.65
N LYS B 243 -15.46 -5.34 -0.16
CA LYS B 243 -16.80 -5.75 -0.57
C LYS B 243 -17.97 -5.34 0.31
N ASN B 244 -17.85 -5.47 1.63
CA ASN B 244 -18.98 -5.08 2.47
C ASN B 244 -19.20 -3.57 2.58
N PHE B 245 -18.20 -2.77 2.19
CA PHE B 245 -18.32 -1.32 2.18
C PHE B 245 -18.31 -0.80 0.75
N GLY B 246 -18.18 -1.71 -0.21
CA GLY B 246 -18.17 -1.35 -1.63
C GLY B 246 -17.10 -0.35 -2.02
N ILE B 247 -15.96 -0.40 -1.33
CA ILE B 247 -14.85 0.52 -1.58
C ILE B 247 -13.60 -0.17 -2.11
N TYR B 248 -13.82 -1.21 -2.92
CA TYR B 248 -12.76 -2.02 -3.54
C TYR B 248 -11.46 -1.30 -3.91
N ARG B 249 -11.55 -0.26 -4.73
CA ARG B 249 -10.38 0.50 -5.20
C ARG B 249 -9.66 1.39 -4.18
N GLU B 250 -10.26 1.61 -3.01
CA GLU B 250 -9.61 2.42 -1.98
C GLU B 250 -8.47 1.66 -1.28
N ARG B 251 -8.53 0.33 -1.39
CA ARG B 251 -7.54 -0.58 -0.81
C ARG B 251 -7.50 -0.44 0.71
N THR B 252 -8.54 -0.92 1.37
CA THR B 252 -8.59 -0.83 2.82
C THR B 252 -9.01 -2.13 3.49
N GLY B 253 -8.24 -2.51 4.50
CA GLY B 253 -8.50 -3.71 5.27
C GLY B 253 -7.52 -3.69 6.42
N CYS B 254 -7.53 -4.72 7.25
CA CYS B 254 -6.58 -4.73 8.36
C CYS B 254 -6.27 -6.13 8.87
N LEU B 255 -5.13 -6.24 9.54
CA LEU B 255 -4.70 -7.49 10.13
C LEU B 255 -4.80 -7.39 11.64
N LEU B 256 -5.49 -8.34 12.25
CA LEU B 256 -5.64 -8.39 13.70
C LEU B 256 -4.79 -9.53 14.24
N ALA B 257 -4.04 -9.28 15.30
CA ALA B 257 -3.21 -10.30 15.92
C ALA B 257 -3.70 -10.50 17.34
N LEU B 258 -4.43 -11.59 17.58
CA LEU B 258 -4.95 -11.89 18.92
C LEU B 258 -3.84 -12.64 19.63
N CYS B 259 -3.33 -12.07 20.71
CA CYS B 259 -2.24 -12.66 21.48
C CYS B 259 -2.68 -13.18 22.84
N ALA B 260 -1.90 -14.11 23.38
CA ALA B 260 -2.20 -14.71 24.67
C ALA B 260 -1.95 -13.76 25.85
N ASP B 261 -1.16 -12.71 25.63
CA ASP B 261 -0.88 -11.75 26.70
C ASP B 261 -0.41 -10.40 26.17
N ALA B 262 -0.45 -9.41 27.06
CA ALA B 262 -0.06 -8.03 26.75
C ALA B 262 1.35 -7.88 26.21
N ALA B 263 2.30 -8.60 26.80
CA ALA B 263 3.69 -8.53 26.37
C ALA B 263 3.81 -8.96 24.91
N THR B 264 3.24 -10.11 24.59
CA THR B 264 3.28 -10.61 23.22
C THR B 264 2.56 -9.64 22.30
N ARG B 265 1.51 -9.01 22.80
CA ARG B 265 0.72 -8.05 22.04
C ARG B 265 1.63 -6.90 21.63
N GLU B 266 2.41 -6.40 22.60
CA GLU B 266 3.35 -5.33 22.37
C GLU B 266 4.37 -5.71 21.30
N LEU B 267 4.82 -6.96 21.35
CA LEU B 267 5.78 -7.47 20.37
C LEU B 267 5.17 -7.51 18.97
N ALA B 268 4.00 -8.12 18.87
CA ALA B 268 3.29 -8.27 17.61
C ALA B 268 3.01 -6.93 16.96
N GLN B 269 2.47 -5.99 17.74
CA GLN B 269 2.16 -4.66 17.25
C GLN B 269 3.42 -3.97 16.73
N GLY B 270 4.53 -4.17 17.43
CA GLY B 270 5.78 -3.59 16.99
C GLY B 270 6.23 -4.16 15.66
N ALA B 271 6.20 -5.49 15.53
CA ALA B 271 6.61 -6.16 14.31
C ALA B 271 5.70 -5.79 13.13
N MET B 272 4.43 -5.56 13.42
CA MET B 272 3.44 -5.18 12.41
C MET B 272 3.72 -3.79 11.84
N ALA B 273 3.96 -2.83 12.72
CA ALA B 273 4.27 -1.46 12.32
C ALA B 273 5.55 -1.44 11.48
N PHE B 274 6.54 -2.22 11.94
CA PHE B 274 7.82 -2.35 11.25
C PHE B 274 7.58 -2.92 9.85
N LEU B 275 6.63 -3.84 9.74
CA LEU B 275 6.31 -4.45 8.45
C LEU B 275 5.75 -3.46 7.42
N ASN B 276 4.93 -2.51 7.88
CA ASN B 276 4.35 -1.50 6.99
C ASN B 276 5.46 -0.52 6.59
N ARG B 277 6.26 -0.14 7.57
CA ARG B 277 7.36 0.79 7.38
C ARG B 277 8.32 0.32 6.27
N GLN B 278 8.71 -0.95 6.32
CA GLN B 278 9.65 -1.52 5.34
C GLN B 278 9.04 -1.88 3.98
N THR B 279 7.72 -1.77 3.86
CA THR B 279 7.05 -2.12 2.61
C THR B 279 6.56 -0.93 1.79
N TYR B 280 5.99 0.05 2.48
CA TYR B 280 5.46 1.26 1.84
C TYR B 280 5.27 2.38 2.87
N SER B 281 5.83 2.19 4.06
CA SER B 281 5.70 3.16 5.13
C SER B 281 4.24 3.25 5.61
N PHE B 282 3.60 4.41 5.47
CA PHE B 282 2.22 4.59 5.94
C PHE B 282 1.18 3.91 5.07
N PRO B 283 0.08 3.45 5.69
CA PRO B 283 -1.00 2.79 4.93
C PRO B 283 -1.98 3.87 4.42
N PRO B 284 -2.69 3.59 3.32
CA PRO B 284 -3.66 4.52 2.74
C PRO B 284 -4.75 4.93 3.73
N PHE B 285 -5.06 6.22 3.73
CA PHE B 285 -6.02 6.82 4.64
C PHE B 285 -7.49 6.91 4.20
N HIS B 286 -7.73 7.27 2.95
CA HIS B 286 -9.10 7.46 2.46
C HIS B 286 -10.17 6.42 2.80
N GLY B 287 -9.96 5.16 2.40
CA GLY B 287 -10.95 4.13 2.68
C GLY B 287 -11.09 3.84 4.16
N ALA B 288 -9.98 3.85 4.89
CA ALA B 288 -9.99 3.57 6.33
C ALA B 288 -10.82 4.62 7.05
N LYS B 289 -10.65 5.87 6.63
CA LYS B 289 -11.40 6.99 7.21
C LYS B 289 -12.89 6.85 6.89
N ILE B 290 -13.20 6.35 5.69
CA ILE B 290 -14.59 6.16 5.29
C ILE B 290 -15.23 5.12 6.20
N VAL B 291 -14.52 4.01 6.41
CA VAL B 291 -15.02 2.94 7.23
C VAL B 291 -15.27 3.38 8.67
N SER B 292 -14.29 4.05 9.28
CA SER B 292 -14.47 4.50 10.65
C SER B 292 -15.56 5.58 10.77
N THR B 293 -15.69 6.42 9.75
CA THR B 293 -16.73 7.45 9.76
C THR B 293 -18.10 6.76 9.76
N VAL B 294 -18.27 5.74 8.91
CA VAL B 294 -19.53 5.01 8.83
C VAL B 294 -19.82 4.26 10.13
N LEU B 295 -18.84 3.50 10.60
CA LEU B 295 -18.98 2.71 11.81
C LEU B 295 -19.23 3.47 13.09
N THR B 296 -18.61 4.65 13.24
CA THR B 296 -18.80 5.43 14.46
C THR B 296 -19.94 6.47 14.43
N THR B 297 -20.62 6.60 13.29
CA THR B 297 -21.71 7.57 13.16
C THR B 297 -23.02 6.80 13.06
N PRO B 298 -23.74 6.65 14.19
CA PRO B 298 -25.01 5.92 14.31
C PRO B 298 -25.94 5.95 13.09
N GLU B 299 -26.22 7.13 12.59
CA GLU B 299 -27.08 7.31 11.43
C GLU B 299 -26.50 6.62 10.21
N LEU B 300 -25.20 6.78 10.00
CA LEU B 300 -24.51 6.18 8.86
C LEU B 300 -24.37 4.65 8.96
N ARG B 301 -24.07 4.17 10.15
CA ARG B 301 -23.93 2.73 10.38
C ARG B 301 -25.26 2.03 10.13
N ALA B 302 -26.35 2.64 10.57
CA ALA B 302 -27.68 2.08 10.40
C ALA B 302 -28.06 1.94 8.94
N ASP B 303 -27.73 2.95 8.13
CA ASP B 303 -28.05 2.88 6.70
C ASP B 303 -27.15 1.88 5.97
N TRP B 304 -25.90 1.77 6.41
CA TRP B 304 -24.95 0.82 5.83
C TRP B 304 -25.46 -0.60 6.05
N MET B 305 -25.83 -0.91 7.29
CA MET B 305 -26.35 -2.23 7.63
C MET B 305 -27.57 -2.54 6.76
N ALA B 306 -28.46 -1.56 6.63
CA ALA B 306 -29.67 -1.72 5.84
C ALA B 306 -29.37 -2.03 4.38
N GLU B 307 -28.45 -1.27 3.80
CA GLU B 307 -28.10 -1.48 2.40
C GLU B 307 -27.40 -2.82 2.22
N LEU B 308 -26.50 -3.17 3.15
CA LEU B 308 -25.78 -4.44 3.10
C LEU B 308 -26.74 -5.62 3.21
N GLU B 309 -27.74 -5.49 4.08
CA GLU B 309 -28.76 -6.53 4.29
C GLU B 309 -29.62 -6.66 3.04
N ALA B 310 -29.89 -5.52 2.40
CA ALA B 310 -30.68 -5.49 1.18
C ALA B 310 -29.94 -6.26 0.09
N VAL B 311 -28.62 -6.05 0.01
CA VAL B 311 -27.76 -6.73 -0.96
C VAL B 311 -27.77 -8.25 -0.72
N ARG B 312 -27.52 -8.62 0.53
CA ARG B 312 -27.49 -10.00 1.00
C ARG B 312 -28.78 -10.73 0.65
N SER B 313 -29.91 -10.16 1.05
CA SER B 313 -31.23 -10.75 0.79
C SER B 313 -31.51 -10.90 -0.71
N GLY B 314 -31.06 -9.91 -1.48
CA GLY B 314 -31.28 -9.94 -2.91
C GLY B 314 -30.60 -11.13 -3.56
N MET B 315 -29.31 -11.30 -3.28
CA MET B 315 -28.55 -12.40 -3.84
C MET B 315 -29.14 -13.75 -3.43
N LEU B 316 -29.60 -13.84 -2.19
CA LEU B 316 -30.19 -15.06 -1.68
C LEU B 316 -31.45 -15.40 -2.49
N ARG B 317 -32.16 -14.35 -2.91
CA ARG B 317 -33.37 -14.51 -3.73
C ARG B 317 -32.98 -15.03 -5.10
N LEU B 318 -31.88 -14.48 -5.64
CA LEU B 318 -31.39 -14.90 -6.94
C LEU B 318 -31.01 -16.38 -6.96
N ARG B 319 -30.37 -16.85 -5.90
CA ARG B 319 -29.96 -18.25 -5.81
C ARG B 319 -31.19 -19.14 -5.90
N GLU B 320 -32.19 -18.85 -5.07
CA GLU B 320 -33.43 -19.63 -5.06
C GLU B 320 -34.11 -19.62 -6.43
N GLN B 321 -33.98 -18.53 -7.16
CA GLN B 321 -34.56 -18.42 -8.49
C GLN B 321 -33.82 -19.32 -9.45
N LEU B 322 -32.49 -19.23 -9.44
CA LEU B 322 -31.65 -20.05 -10.32
C LEU B 322 -31.85 -21.53 -10.04
N ALA B 323 -31.97 -21.88 -8.76
CA ALA B 323 -32.18 -23.27 -8.39
C ALA B 323 -33.51 -23.76 -8.95
N GLY B 324 -34.55 -22.94 -8.78
CA GLY B 324 -35.87 -23.28 -9.28
C GLY B 324 -35.92 -23.38 -10.79
N GLU B 325 -35.33 -22.39 -11.46
CA GLU B 325 -35.29 -22.36 -12.92
C GLU B 325 -34.70 -23.66 -13.44
N LEU B 326 -33.55 -24.05 -12.86
CA LEU B 326 -32.87 -25.27 -13.27
C LEU B 326 -33.71 -26.50 -12.98
N ARG B 327 -34.35 -26.54 -11.81
CA ARG B 327 -35.20 -27.67 -11.45
C ARG B 327 -36.25 -27.91 -12.55
N ASP B 328 -36.82 -26.82 -13.04
CA ASP B 328 -37.83 -26.91 -14.09
C ASP B 328 -37.19 -27.40 -15.39
N LEU B 329 -36.02 -26.86 -15.72
CA LEU B 329 -35.31 -27.22 -16.94
C LEU B 329 -34.63 -28.59 -16.94
N SER B 330 -34.32 -29.12 -15.77
CA SER B 330 -33.66 -30.41 -15.71
C SER B 330 -34.61 -31.50 -15.21
N GLY B 331 -35.76 -31.07 -14.70
CA GLY B 331 -36.73 -32.01 -14.17
C GLY B 331 -36.11 -32.81 -13.05
N SER B 332 -35.17 -32.21 -12.34
CA SER B 332 -34.48 -32.87 -11.24
C SER B 332 -34.12 -31.84 -10.19
N ASP B 333 -33.46 -32.28 -9.13
CA ASP B 333 -33.04 -31.38 -8.06
C ASP B 333 -31.56 -31.53 -7.76
N ARG B 334 -30.80 -31.93 -8.77
CA ARG B 334 -29.36 -32.11 -8.65
C ARG B 334 -28.74 -30.78 -8.27
N PHE B 335 -29.15 -29.73 -8.98
CA PHE B 335 -28.63 -28.39 -8.75
C PHE B 335 -29.18 -27.71 -7.50
N GLY B 336 -29.75 -28.49 -6.60
CA GLY B 336 -30.29 -27.94 -5.37
C GLY B 336 -29.24 -27.19 -4.59
N PHE B 337 -28.04 -27.75 -4.55
CA PHE B 337 -26.91 -27.16 -3.82
C PHE B 337 -26.73 -25.66 -3.99
N VAL B 338 -27.21 -25.11 -5.11
CA VAL B 338 -27.08 -23.69 -5.41
C VAL B 338 -27.80 -22.82 -4.37
N ALA B 339 -28.88 -23.34 -3.79
CA ALA B 339 -29.63 -22.61 -2.79
C ALA B 339 -29.05 -22.80 -1.41
N GLU B 340 -28.20 -23.82 -1.25
CA GLU B 340 -27.56 -24.12 0.03
C GLU B 340 -26.25 -23.35 0.21
N HIS B 341 -25.53 -23.12 -0.89
CA HIS B 341 -24.28 -22.39 -0.83
C HIS B 341 -24.56 -21.00 -0.32
N ARG B 342 -23.56 -20.37 0.28
CA ARG B 342 -23.75 -19.04 0.81
C ARG B 342 -22.59 -18.15 0.39
N GLY B 343 -22.92 -16.93 -0.04
CA GLY B 343 -21.90 -15.99 -0.45
C GLY B 343 -22.15 -15.41 -1.83
N MET B 344 -21.08 -14.95 -2.46
CA MET B 344 -21.17 -14.35 -3.78
C MET B 344 -20.98 -15.39 -4.87
N PHE B 345 -20.21 -16.43 -4.55
CA PHE B 345 -19.90 -17.47 -5.52
C PHE B 345 -20.56 -18.80 -5.24
N SER B 346 -20.45 -19.68 -6.24
CA SER B 346 -20.98 -21.01 -6.18
C SER B 346 -20.33 -21.74 -7.34
N ARG B 347 -19.71 -22.88 -7.06
CA ARG B 347 -19.08 -23.67 -8.11
C ARG B 347 -20.16 -24.60 -8.65
N LEU B 348 -20.28 -24.66 -9.97
CA LEU B 348 -21.29 -25.52 -10.59
C LEU B 348 -20.83 -26.97 -10.70
N GLY B 349 -19.81 -27.18 -11.53
CA GLY B 349 -19.29 -28.52 -11.74
C GLY B 349 -18.78 -28.66 -13.16
N ALA B 350 -19.35 -27.89 -14.06
CA ALA B 350 -18.97 -27.90 -15.48
C ALA B 350 -17.46 -28.00 -15.66
N THR B 351 -17.03 -28.96 -16.48
CA THR B 351 -15.62 -29.18 -16.76
C THR B 351 -15.07 -28.06 -17.63
N PRO B 352 -13.73 -27.94 -17.70
CA PRO B 352 -13.06 -26.90 -18.50
C PRO B 352 -13.56 -26.75 -19.94
N GLU B 353 -13.86 -27.87 -20.59
CA GLU B 353 -14.33 -27.83 -21.96
C GLU B 353 -15.74 -27.24 -22.03
N GLN B 354 -16.57 -27.62 -21.07
CA GLN B 354 -17.94 -27.13 -21.02
C GLN B 354 -17.91 -25.63 -20.77
N VAL B 355 -17.15 -25.22 -19.75
CA VAL B 355 -17.01 -23.83 -19.39
C VAL B 355 -16.61 -22.98 -20.60
N LYS B 356 -15.56 -23.40 -21.30
CA LYS B 356 -15.07 -22.68 -22.47
C LYS B 356 -16.11 -22.58 -23.59
N ARG B 357 -16.87 -23.65 -23.81
CA ARG B 357 -17.89 -23.63 -24.85
C ARG B 357 -18.93 -22.55 -24.53
N ILE B 358 -19.38 -22.55 -23.28
CA ILE B 358 -20.36 -21.59 -22.81
C ILE B 358 -19.95 -20.15 -23.12
N LYS B 359 -18.69 -19.81 -22.83
CA LYS B 359 -18.20 -18.45 -23.06
C LYS B 359 -17.99 -18.05 -24.51
N GLU B 360 -17.44 -18.96 -25.32
CA GLU B 360 -17.15 -18.69 -26.73
C GLU B 360 -18.34 -18.55 -27.68
N GLU B 361 -19.55 -18.76 -27.17
CA GLU B 361 -20.76 -18.66 -28.02
C GLU B 361 -21.93 -17.98 -27.32
N PHE B 362 -22.14 -18.33 -26.05
CA PHE B 362 -23.22 -17.75 -25.26
C PHE B 362 -22.76 -16.44 -24.64
N GLY B 363 -21.46 -16.18 -24.71
CA GLY B 363 -20.89 -14.96 -24.18
C GLY B 363 -20.96 -14.82 -22.68
N ILE B 364 -21.23 -15.92 -21.98
CA ILE B 364 -21.32 -15.89 -20.53
C ILE B 364 -20.03 -16.42 -19.90
N TYR B 365 -19.26 -15.51 -19.33
CA TYR B 365 -17.97 -15.82 -18.73
C TYR B 365 -18.01 -16.13 -17.25
N MET B 366 -17.50 -17.31 -16.90
CA MET B 366 -17.41 -17.77 -15.51
C MET B 366 -15.99 -18.30 -15.39
N VAL B 367 -15.44 -18.29 -14.18
CA VAL B 367 -14.07 -18.76 -13.98
C VAL B 367 -13.93 -20.21 -14.43
N GLY B 368 -12.83 -20.50 -15.13
CA GLY B 368 -12.55 -21.84 -15.65
C GLY B 368 -12.97 -23.04 -14.82
N ASP B 369 -12.92 -22.92 -13.50
CA ASP B 369 -13.31 -24.00 -12.59
C ASP B 369 -14.81 -24.03 -12.32
N SER B 370 -15.56 -23.34 -13.18
CA SER B 370 -17.02 -23.24 -13.09
C SER B 370 -17.51 -22.39 -11.93
N ARG B 371 -16.75 -21.35 -11.57
CA ARG B 371 -17.14 -20.47 -10.48
C ARG B 371 -17.98 -19.32 -11.06
N ILE B 372 -19.20 -19.18 -10.56
CA ILE B 372 -20.08 -18.12 -11.01
C ILE B 372 -20.34 -17.14 -9.87
N ASN B 373 -20.39 -15.87 -10.20
CA ASN B 373 -20.68 -14.82 -9.23
C ASN B 373 -22.19 -14.67 -9.38
N ILE B 374 -22.96 -15.23 -8.45
CA ILE B 374 -24.42 -15.15 -8.57
C ILE B 374 -24.97 -13.74 -8.63
N ALA B 375 -24.25 -12.78 -8.07
CA ALA B 375 -24.67 -11.39 -8.11
C ALA B 375 -24.72 -10.89 -9.56
N GLY B 376 -24.10 -11.64 -10.46
CA GLY B 376 -24.08 -11.30 -11.87
C GLY B 376 -25.34 -11.73 -12.62
N LEU B 377 -26.21 -12.47 -11.94
CA LEU B 377 -27.46 -12.94 -12.55
C LEU B 377 -28.64 -12.05 -12.19
N ASN B 378 -29.72 -12.21 -12.92
CA ASN B 378 -30.95 -11.46 -12.69
C ASN B 378 -32.09 -12.19 -13.39
N ASP B 379 -33.31 -11.69 -13.26
CA ASP B 379 -34.48 -12.30 -13.86
C ASP B 379 -34.29 -12.62 -15.34
N ASN B 380 -33.76 -11.67 -16.09
CA ASN B 380 -33.54 -11.81 -17.52
C ASN B 380 -32.54 -12.91 -17.85
N THR B 381 -31.38 -12.82 -17.21
CA THR B 381 -30.28 -13.75 -17.46
C THR B 381 -30.35 -15.14 -16.79
N ILE B 382 -31.18 -15.28 -15.75
CA ILE B 382 -31.27 -16.57 -15.07
C ILE B 382 -31.74 -17.71 -15.97
N PRO B 383 -32.92 -17.59 -16.61
CA PRO B 383 -33.38 -18.67 -17.48
C PRO B 383 -32.39 -18.91 -18.61
N ILE B 384 -31.72 -17.84 -19.05
CA ILE B 384 -30.73 -17.91 -20.11
C ILE B 384 -29.55 -18.78 -19.64
N LEU B 385 -29.08 -18.53 -18.43
CA LEU B 385 -27.97 -19.29 -17.86
C LEU B 385 -28.39 -20.74 -17.67
N ALA B 386 -29.53 -20.94 -17.03
CA ALA B 386 -30.05 -22.28 -16.77
C ALA B 386 -30.10 -23.08 -18.06
N ARG B 387 -30.67 -22.46 -19.10
CA ARG B 387 -30.80 -23.09 -20.41
C ARG B 387 -29.42 -23.37 -21.02
N ALA B 388 -28.56 -22.36 -21.00
CA ALA B 388 -27.21 -22.48 -21.56
C ALA B 388 -26.43 -23.65 -20.98
N ILE B 389 -26.61 -23.95 -19.70
CA ILE B 389 -25.89 -25.06 -19.10
C ILE B 389 -26.56 -26.38 -19.46
N ILE B 390 -27.87 -26.36 -19.71
CA ILE B 390 -28.58 -27.56 -20.10
C ILE B 390 -28.05 -27.97 -21.47
N GLU B 391 -27.91 -26.98 -22.34
CA GLU B 391 -27.42 -27.22 -23.69
C GLU B 391 -25.96 -27.64 -23.71
N VAL B 392 -25.20 -27.26 -22.69
CA VAL B 392 -23.80 -27.63 -22.59
C VAL B 392 -23.73 -29.03 -21.98
N GLY B 393 -24.86 -29.44 -21.42
CA GLY B 393 -24.99 -30.75 -20.80
C GLY B 393 -23.86 -31.15 -19.87
N VAL B 394 -23.39 -32.38 -20.03
CA VAL B 394 -22.30 -32.93 -19.25
C VAL B 394 -22.03 -34.37 -19.73
N1 PLP C . 12.23 9.52 -0.45
C2 PLP C . 12.55 10.63 0.28
C2A PLP C . 14.02 11.08 0.39
C3 PLP C . 11.56 11.34 0.90
O3 PLP C . 11.90 12.48 1.62
C4 PLP C . 10.22 10.93 0.77
C4A PLP C . 9.20 11.64 1.36
C5 PLP C . 9.94 9.78 0.00
C6 PLP C . 10.94 9.10 -0.59
C5A PLP C . 8.52 9.30 -0.25
O4P PLP C . 7.54 9.32 0.77
P PLP C . 6.18 8.74 0.36
O1P PLP C . 5.71 9.27 -0.92
O2P PLP C . 5.38 9.41 1.52
O3P PLP C . 6.19 7.27 0.61
CA MPP D . 10.55 12.89 5.45
C MPP D . 11.70 12.91 6.43
OT1 MPP D . 12.85 12.61 6.03
OT2 MPP D . 11.47 13.19 7.62
CB MPP D . 9.24 12.41 6.07
CG MPP D . 9.16 10.92 6.34
CD1 MPP D . 8.48 10.07 5.46
CD2 MPP D . 9.75 10.36 7.49
CE1 MPP D . 8.33 8.70 5.75
OEA MPP D . 7.62 7.82 4.94
CEA MPP D . 7.16 8.41 3.86
CE2 MPP D . 9.63 8.99 7.76
CZ MPP D . 8.91 8.17 6.90
OZA MPP D . 8.76 6.83 7.17
CZA MPP D . 8.12 6.67 8.29
N1 PLP E . -9.60 -13.01 0.03
C2 PLP E . -10.71 -13.35 -0.65
C2A PLP E . -11.13 -14.80 -0.69
C3 PLP E . -11.47 -12.39 -1.25
O3 PLP E . -12.59 -12.77 -1.96
C4 PLP E . -11.09 -11.03 -1.13
C4A PLP E . -11.86 -9.99 -1.67
C5 PLP E . -9.93 -10.72 -0.41
C6 PLP E . -9.21 -11.73 0.16
C5A PLP E . -9.45 -9.31 -0.20
O4P PLP E . -9.60 -8.35 -1.24
P PLP E . -8.96 -6.92 -1.04
O1P PLP E . -9.55 -6.30 0.14
O2P PLP E . -9.54 -6.11 -2.33
O3P PLP E . -7.48 -7.07 -1.06
CA MPP F . -12.50 -11.49 -5.77
C MPP F . -12.50 -12.76 -6.59
OT1 MPP F . -12.09 -13.81 -6.07
OT2 MPP F . -12.91 -12.70 -7.77
CB MPP F . -11.95 -10.29 -6.53
CG MPP F . -10.46 -10.33 -6.78
CD1 MPP F . -9.59 -9.55 -6.02
CD2 MPP F . -9.91 -11.17 -7.75
CE1 MPP F . -8.21 -9.63 -6.18
OEA MPP F . -7.33 -8.92 -5.38
CEA MPP F . -7.96 -8.20 -4.49
CE2 MPP F . -8.52 -11.25 -7.94
CZ MPP F . -7.67 -10.48 -7.14
OZA MPP F . -6.30 -10.58 -7.28
CZA MPP F . -5.94 -10.33 -8.51
#